data_1UE2
# 
_entry.id   1UE2 
# 
_audit_conform.dict_name       mmcif_pdbx.dic 
_audit_conform.dict_version    5.383 
_audit_conform.dict_location   http://mmcif.pdb.org/dictionaries/ascii/mmcif_pdbx.dic 
# 
loop_
_database_2.database_id 
_database_2.database_code 
_database_2.pdbx_database_accession 
_database_2.pdbx_DOI 
PDB   1UE2         pdb_00001ue2 10.2210/pdb1ue2/pdb 
NDB   UD0032       ?            ?                   
RCSB  RCSB005718   ?            ?                   
WWPDB D_1000005718 ?            ?                   
# 
loop_
_pdbx_audit_revision_history.ordinal 
_pdbx_audit_revision_history.data_content_type 
_pdbx_audit_revision_history.major_revision 
_pdbx_audit_revision_history.minor_revision 
_pdbx_audit_revision_history.revision_date 
1 'Structure model' 1 0 2004-01-13 
2 'Structure model' 1 1 2008-04-27 
3 'Structure model' 1 2 2011-07-13 
4 'Structure model' 1 3 2014-10-22 
5 'Structure model' 1 4 2023-12-27 
# 
_pdbx_audit_revision_details.ordinal             1 
_pdbx_audit_revision_details.revision_ordinal    1 
_pdbx_audit_revision_details.data_content_type   'Structure model' 
_pdbx_audit_revision_details.provider            repository 
_pdbx_audit_revision_details.type                'Initial release' 
_pdbx_audit_revision_details.description         ? 
_pdbx_audit_revision_details.details             ? 
# 
loop_
_pdbx_audit_revision_group.ordinal 
_pdbx_audit_revision_group.revision_ordinal 
_pdbx_audit_revision_group.data_content_type 
_pdbx_audit_revision_group.group 
1 2 'Structure model' 'Version format compliance' 
2 3 'Structure model' 'Version format compliance' 
3 4 'Structure model' 'Derived calculations'      
4 5 'Structure model' 'Data collection'           
5 5 'Structure model' 'Database references'       
6 5 'Structure model' 'Derived calculations'      
# 
loop_
_pdbx_audit_revision_category.ordinal 
_pdbx_audit_revision_category.revision_ordinal 
_pdbx_audit_revision_category.data_content_type 
_pdbx_audit_revision_category.category 
1 5 'Structure model' chem_comp_atom         
2 5 'Structure model' chem_comp_bond         
3 5 'Structure model' database_2             
4 5 'Structure model' pdbx_struct_conn_angle 
5 5 'Structure model' struct_conn            
6 5 'Structure model' struct_conn_type       
7 5 'Structure model' struct_site            
# 
loop_
_pdbx_audit_revision_item.ordinal 
_pdbx_audit_revision_item.revision_ordinal 
_pdbx_audit_revision_item.data_content_type 
_pdbx_audit_revision_item.item 
1  5 'Structure model' '_database_2.pdbx_DOI'                      
2  5 'Structure model' '_database_2.pdbx_database_accession'       
3  5 'Structure model' '_pdbx_struct_conn_angle.ptnr1_auth_seq_id' 
4  5 'Structure model' '_pdbx_struct_conn_angle.ptnr3_auth_seq_id' 
5  5 'Structure model' '_pdbx_struct_conn_angle.value'             
6  5 'Structure model' '_struct_conn.conn_type_id'                 
7  5 'Structure model' '_struct_conn.id'                           
8  5 'Structure model' '_struct_conn.pdbx_dist_value'              
9  5 'Structure model' '_struct_conn.pdbx_leaving_atom_flag'       
10 5 'Structure model' '_struct_conn.ptnr1_auth_comp_id'           
11 5 'Structure model' '_struct_conn.ptnr1_auth_seq_id'            
12 5 'Structure model' '_struct_conn.ptnr1_label_asym_id'          
13 5 'Structure model' '_struct_conn.ptnr1_label_atom_id'          
14 5 'Structure model' '_struct_conn.ptnr1_label_comp_id'          
15 5 'Structure model' '_struct_conn.ptnr1_label_seq_id'           
16 5 'Structure model' '_struct_conn.ptnr2_auth_comp_id'           
17 5 'Structure model' '_struct_conn.ptnr2_auth_seq_id'            
18 5 'Structure model' '_struct_conn.ptnr2_label_asym_id'          
19 5 'Structure model' '_struct_conn.ptnr2_label_atom_id'          
20 5 'Structure model' '_struct_conn.ptnr2_label_comp_id'          
21 5 'Structure model' '_struct_conn.ptnr2_label_seq_id'           
22 5 'Structure model' '_struct_conn_type.id'                      
23 5 'Structure model' '_struct_site.pdbx_auth_asym_id'            
24 5 'Structure model' '_struct_site.pdbx_auth_comp_id'            
25 5 'Structure model' '_struct_site.pdbx_auth_seq_id'             
# 
_pdbx_database_status.status_code                     REL 
_pdbx_database_status.entry_id                        1UE2 
_pdbx_database_status.recvd_initial_deposition_date   2003-05-08 
_pdbx_database_status.deposit_site                    PDBJ 
_pdbx_database_status.process_site                    PDBJ 
_pdbx_database_status.status_code_sf                  REL 
_pdbx_database_status.SG_entry                        . 
_pdbx_database_status.status_code_mr                  ? 
_pdbx_database_status.status_code_cs                  ? 
_pdbx_database_status.pdb_format_compatible           Y 
_pdbx_database_status.status_code_nmr_data            ? 
_pdbx_database_status.methods_development_category    ? 
# 
loop_
_pdbx_database_related.db_name 
_pdbx_database_related.db_id 
_pdbx_database_related.details 
_pdbx_database_related.content_type 
PDB 1UE3 'The crystal structure of d(GCGAAAGC) containing  hexaamminecobalt' unspecified 
PDB 1UE4 'The crystal structure of d(GCGAAAGC)'                              unspecified 
# 
loop_
_audit_author.name 
_audit_author.pdbx_ordinal 
'Sunami, T.'   1 
'Kondo, J.'    2 
'Hirao, I.'    3 
'Watanaba, K.' 4 
'Miura, K.'    5 
'Takenaka, A.' 6 
# 
_citation.id                        primary 
_citation.title                     'Structure of d(GCGAAAGC) (hexagonal form): a base-intercalated duplex as a stable structure.' 
_citation.journal_abbrev            'Acta Crystallogr.,Sect.D' 
_citation.journal_volume            60 
_citation.page_first                90 
_citation.page_last                 96 
_citation.year                      2004 
_citation.journal_id_ASTM           ABCRE6 
_citation.country                   DK 
_citation.journal_id_ISSN           0907-4449 
_citation.journal_id_CSD            0766 
_citation.book_publisher            ? 
_citation.pdbx_database_id_PubMed   14684897 
_citation.pdbx_database_id_DOI      10.1107/S0907444903024703 
# 
loop_
_citation_author.citation_id 
_citation_author.name 
_citation_author.ordinal 
_citation_author.identifier_ORCID 
primary 'Sunami, T.'   1 ? 
primary 'Kondo, J.'    2 ? 
primary 'Hirao, I.'    3 ? 
primary 'Watanabe, K.' 4 ? 
primary 'Miura, K.I.'  5 ? 
primary 'Takenaka, A.' 6 ? 
# 
loop_
_entity.id 
_entity.type 
_entity.src_method 
_entity.pdbx_description 
_entity.formula_weight 
_entity.pdbx_number_of_molecules 
_entity.pdbx_ec 
_entity.pdbx_mutation 
_entity.pdbx_fragment 
_entity.details 
1 polymer     syn "5'-D(*GP*(C38)P*GP*AP*AP*AP*GP*CP*T)-3'" 2890.734 1  ? ? ? ? 
2 non-polymer syn 'CHLORIDE ION'                            35.453   1  ? ? ? ? 
3 non-polymer syn 'MAGNESIUM ION'                           24.305   1  ? ? ? ? 
4 non-polymer syn 'COBALT HEXAMMINE(III)'                   161.116  1  ? ? ? ? 
5 water       nat water                                     18.015   54 ? ? ? ? 
# 
_entity_poly.entity_id                      1 
_entity_poly.type                           polydeoxyribonucleotide 
_entity_poly.nstd_linkage                   no 
_entity_poly.nstd_monomer                   yes 
_entity_poly.pdbx_seq_one_letter_code       '(DG)(C38)(DG)(DA)(DA)(DA)(DG)(DC)(DT)' 
_entity_poly.pdbx_seq_one_letter_code_can   GCGAAAGCT 
_entity_poly.pdbx_strand_id                 A 
_entity_poly.pdbx_target_identifier         ? 
# 
loop_
_pdbx_entity_nonpoly.entity_id 
_pdbx_entity_nonpoly.name 
_pdbx_entity_nonpoly.comp_id 
2 'CHLORIDE ION'          CL  
3 'MAGNESIUM ION'         MG  
4 'COBALT HEXAMMINE(III)' NCO 
5 water                   HOH 
# 
loop_
_entity_poly_seq.entity_id 
_entity_poly_seq.num 
_entity_poly_seq.mon_id 
_entity_poly_seq.hetero 
1 1 DG  n 
1 2 C38 n 
1 3 DG  n 
1 4 DA  n 
1 5 DA  n 
1 6 DA  n 
1 7 DG  n 
1 8 DC  n 
1 9 DT  n 
# 
loop_
_chem_comp.id 
_chem_comp.type 
_chem_comp.mon_nstd_flag 
_chem_comp.name 
_chem_comp.pdbx_synonyms 
_chem_comp.formula 
_chem_comp.formula_weight 
C38 'DNA linking' n "5-IODO-2'-DEOXY-CYTIDINE-5'-MONOPHOSPHATE" ? 'C9 H13 I N3 O7 P' 433.094 
CL  non-polymer   . 'CHLORIDE ION'                              ? 'Cl -1'            35.453  
DA  'DNA linking' y "2'-DEOXYADENOSINE-5'-MONOPHOSPHATE"        ? 'C10 H14 N5 O6 P'  331.222 
DC  'DNA linking' y "2'-DEOXYCYTIDINE-5'-MONOPHOSPHATE"         ? 'C9 H14 N3 O7 P'   307.197 
DG  'DNA linking' y "2'-DEOXYGUANOSINE-5'-MONOPHOSPHATE"        ? 'C10 H14 N5 O7 P'  347.221 
DT  'DNA linking' y "THYMIDINE-5'-MONOPHOSPHATE"                ? 'C10 H15 N2 O8 P'  322.208 
HOH non-polymer   . WATER                                       ? 'H2 O'             18.015  
MG  non-polymer   . 'MAGNESIUM ION'                             ? 'Mg 2'             24.305  
NCO non-polymer   . 'COBALT HEXAMMINE(III)'                     ? 'Co H18 N6 3'      161.116 
# 
loop_
_pdbx_poly_seq_scheme.asym_id 
_pdbx_poly_seq_scheme.entity_id 
_pdbx_poly_seq_scheme.seq_id 
_pdbx_poly_seq_scheme.mon_id 
_pdbx_poly_seq_scheme.ndb_seq_num 
_pdbx_poly_seq_scheme.pdb_seq_num 
_pdbx_poly_seq_scheme.auth_seq_num 
_pdbx_poly_seq_scheme.pdb_mon_id 
_pdbx_poly_seq_scheme.auth_mon_id 
_pdbx_poly_seq_scheme.pdb_strand_id 
_pdbx_poly_seq_scheme.pdb_ins_code 
_pdbx_poly_seq_scheme.hetero 
A 1 1 DG  1 1 1 DG  G   A . n 
A 1 2 C38 2 2 2 C38 C38 A . n 
A 1 3 DG  3 3 3 DG  G   A . n 
A 1 4 DA  4 4 4 DA  A   A . n 
A 1 5 DA  5 5 5 DA  A   A . n 
A 1 6 DA  6 6 6 DA  A   A . n 
A 1 7 DG  7 7 7 DG  G   A . n 
A 1 8 DC  8 8 8 DC  C   A . n 
A 1 9 DT  9 9 9 DT  T   A . n 
# 
loop_
_pdbx_nonpoly_scheme.asym_id 
_pdbx_nonpoly_scheme.entity_id 
_pdbx_nonpoly_scheme.mon_id 
_pdbx_nonpoly_scheme.ndb_seq_num 
_pdbx_nonpoly_scheme.pdb_seq_num 
_pdbx_nonpoly_scheme.auth_seq_num 
_pdbx_nonpoly_scheme.pdb_mon_id 
_pdbx_nonpoly_scheme.auth_mon_id 
_pdbx_nonpoly_scheme.pdb_strand_id 
_pdbx_nonpoly_scheme.pdb_ins_code 
B 2 CL  1  10  1   CL  CL  A . 
C 3 MG  1  767 767 MG  MO6 A . 
D 4 NCO 1  766 766 NCO NCO A . 
E 5 HOH 1  768 767 HOH MO6 A . 
E 5 HOH 2  769 767 HOH MO6 A . 
E 5 HOH 3  770 767 HOH MO6 A . 
E 5 HOH 4  771 767 HOH MO6 A . 
E 5 HOH 5  772 767 HOH MO6 A . 
E 5 HOH 6  773 767 HOH MO6 A . 
E 5 HOH 7  774 2   HOH HOH A . 
E 5 HOH 8  775 3   HOH HOH A . 
E 5 HOH 9  776 4   HOH HOH A . 
E 5 HOH 10 777 5   HOH HOH A . 
E 5 HOH 11 778 6   HOH HOH A . 
E 5 HOH 12 779 7   HOH HOH A . 
E 5 HOH 13 780 10  HOH HOH A . 
E 5 HOH 14 781 11  HOH HOH A . 
E 5 HOH 15 782 12  HOH HOH A . 
E 5 HOH 16 783 18  HOH HOH A . 
E 5 HOH 17 784 19  HOH HOH A . 
E 5 HOH 18 785 21  HOH HOH A . 
E 5 HOH 19 786 22  HOH HOH A . 
E 5 HOH 20 787 24  HOH HOH A . 
E 5 HOH 21 788 27  HOH HOH A . 
E 5 HOH 22 789 31  HOH HOH A . 
E 5 HOH 23 790 37  HOH HOH A . 
E 5 HOH 24 791 39  HOH HOH A . 
E 5 HOH 25 792 43  HOH HOH A . 
E 5 HOH 26 793 46  HOH HOH A . 
E 5 HOH 27 794 48  HOH HOH A . 
E 5 HOH 28 795 49  HOH HOH A . 
E 5 HOH 29 796 50  HOH HOH A . 
E 5 HOH 30 797 56  HOH HOH A . 
E 5 HOH 31 798 58  HOH HOH A . 
E 5 HOH 32 799 62  HOH HOH A . 
E 5 HOH 33 800 75  HOH HOH A . 
E 5 HOH 34 801 81  HOH HOH A . 
E 5 HOH 35 802 89  HOH HOH A . 
E 5 HOH 36 803 98  HOH HOH A . 
E 5 HOH 37 804 99  HOH HOH A . 
E 5 HOH 38 805 102 HOH HOH A . 
E 5 HOH 39 806 103 HOH HOH A . 
E 5 HOH 40 807 104 HOH HOH A . 
E 5 HOH 41 808 105 HOH HOH A . 
E 5 HOH 42 809 106 HOH HOH A . 
E 5 HOH 43 810 108 HOH HOH A . 
E 5 HOH 44 811 109 HOH HOH A . 
E 5 HOH 45 812 111 HOH HOH A . 
E 5 HOH 46 813 112 HOH HOH A . 
E 5 HOH 47 814 113 HOH HOH A . 
E 5 HOH 48 815 114 HOH HOH A . 
E 5 HOH 49 816 115 HOH HOH A . 
E 5 HOH 50 817 116 HOH HOH A . 
E 5 HOH 51 818 117 HOH HOH A . 
E 5 HOH 52 819 120 HOH HOH A . 
E 5 HOH 53 820 121 HOH HOH A . 
E 5 HOH 54 821 122 HOH HOH A . 
# 
loop_
_pdbx_unobs_or_zero_occ_atoms.id 
_pdbx_unobs_or_zero_occ_atoms.PDB_model_num 
_pdbx_unobs_or_zero_occ_atoms.polymer_flag 
_pdbx_unobs_or_zero_occ_atoms.occupancy_flag 
_pdbx_unobs_or_zero_occ_atoms.auth_asym_id 
_pdbx_unobs_or_zero_occ_atoms.auth_comp_id 
_pdbx_unobs_or_zero_occ_atoms.auth_seq_id 
_pdbx_unobs_or_zero_occ_atoms.PDB_ins_code 
_pdbx_unobs_or_zero_occ_atoms.auth_atom_id 
_pdbx_unobs_or_zero_occ_atoms.label_alt_id 
_pdbx_unobs_or_zero_occ_atoms.label_asym_id 
_pdbx_unobs_or_zero_occ_atoms.label_comp_id 
_pdbx_unobs_or_zero_occ_atoms.label_seq_id 
_pdbx_unobs_or_zero_occ_atoms.label_atom_id 
1  1 Y 1 A DT  9   ? "O5'" ? A DT  9 "O5'" 
2  1 Y 1 A DT  9   ? "C5'" ? A DT  9 "C5'" 
3  1 Y 1 A DT  9   ? "C4'" ? A DT  9 "C4'" 
4  1 Y 1 A DT  9   ? "O4'" ? A DT  9 "O4'" 
5  1 Y 1 A DT  9   ? "C3'" ? A DT  9 "C3'" 
6  1 Y 1 A DT  9   ? "O3'" ? A DT  9 "O3'" 
7  1 Y 1 A DT  9   ? "C2'" ? A DT  9 "C2'" 
8  1 Y 1 A DT  9   ? "C1'" ? A DT  9 "C1'" 
9  1 Y 1 A DT  9   ? N1    ? A DT  9 N1    
10 1 Y 1 A DT  9   ? C2    ? A DT  9 C2    
11 1 Y 1 A DT  9   ? O2    ? A DT  9 O2    
12 1 Y 1 A DT  9   ? N3    ? A DT  9 N3    
13 1 Y 1 A DT  9   ? C4    ? A DT  9 C4    
14 1 Y 1 A DT  9   ? O4    ? A DT  9 O4    
15 1 Y 1 A DT  9   ? C5    ? A DT  9 C5    
16 1 Y 1 A DT  9   ? C7    ? A DT  9 C7    
17 1 Y 1 A DT  9   ? C6    ? A DT  9 C6    
18 1 N 1 A NCO 766 ? N3    ? D NCO 1 N3    
19 1 N 1 A NCO 766 ? N4    ? D NCO 1 N4    
20 1 N 1 A NCO 766 ? N5    ? D NCO 1 N5    
21 1 N 1 A NCO 766 ? N6    ? D NCO 1 N6    
# 
loop_
_software.name 
_software.classification 
_software.version 
_software.citation_id 
_software.pdbx_ordinal 
MOSFLM 'data reduction' .         ? 1 
SCALA  'data scaling'   .         ? 2 
X-PLOR 'model building' .         ? 3 
CNS    refinement       .         ? 4 
CCP4   'data scaling'   '(SCALA)' ? 5 
X-PLOR phasing          .         ? 6 
# 
_cell.entry_id           1UE2 
_cell.length_a           36.736 
_cell.length_b           36.736 
_cell.length_c           64.754 
_cell.angle_alpha        90.00 
_cell.angle_beta         90.00 
_cell.angle_gamma        120.00 
_cell.Z_PDB              12 
_cell.pdbx_unique_axis   ? 
# 
_symmetry.entry_id                         1UE2 
_symmetry.space_group_name_H-M             'P 63 2 2' 
_symmetry.pdbx_full_space_group_name_H-M   ? 
_symmetry.cell_setting                     ? 
_symmetry.Int_Tables_number                182 
# 
_exptl.entry_id          1UE2 
_exptl.method            'X-RAY DIFFRACTION' 
_exptl.crystals_number   1 
# 
_exptl_crystal.id                    1 
_exptl_crystal.density_meas          ? 
_exptl_crystal.density_Matthews      1.81 
_exptl_crystal.density_percent_sol   31.48 
_exptl_crystal.description           ? 
# 
_exptl_crystal_grow.crystal_id      1 
_exptl_crystal_grow.method          'VAPOR DIFFUSION, HANGING DROP' 
_exptl_crystal_grow.temp            293 
_exptl_crystal_grow.temp_details    ? 
_exptl_crystal_grow.pH              6.0 
_exptl_crystal_grow.pdbx_details    
;2,6-diaminopyridine, magnesium chloride, sodium chloride, hexaamminecobalt(III) chloride, 2-methyl-2,4-pentanediol, MEGA-10, sodium cacodylate, pH 6.0, VAPOR DIFFUSION, HANGING DROP, temperature 293K
;
_exptl_crystal_grow.pdbx_pH_range   . 
# 
loop_
_exptl_crystal_grow_comp.crystal_id 
_exptl_crystal_grow_comp.id 
_exptl_crystal_grow_comp.sol_id 
_exptl_crystal_grow_comp.name 
_exptl_crystal_grow_comp.volume 
_exptl_crystal_grow_comp.conc 
_exptl_crystal_grow_comp.details 
1 1  1 2,6-diaminopyridine              ? ? ? 
1 2  1 'magnesium chloride'             ? ? ? 
1 3  1 'sodium chloride'                ? ? ? 
1 4  1 'hexaamminecobalt(III) chloride' ? ? ? 
1 5  1 2-methyl-2,4-pentanediol         ? ? ? 
1 6  1 MEGA-10                          ? ? ? 
1 7  1 'sodium cacodylate'              ? ? ? 
1 8  2 2,6-diaminopyridine              ? ? ? 
1 9  2 'magnesium chloride'             ? ? ? 
1 10 2 'sodium chloride'                ? ? ? 
1 11 2 'hexaamminecobalt(III) chloride' ? ? ? 
# 
_diffrn.id                     1 
_diffrn.ambient_temp           100 
_diffrn.ambient_temp_details   ? 
_diffrn.crystal_id             1 
# 
_diffrn_detector.diffrn_id              1 
_diffrn_detector.detector               CCD 
_diffrn_detector.type                   'ADSC QUANTUM 4' 
_diffrn_detector.pdbx_collection_date   2000-12-18 
_diffrn_detector.details                ? 
# 
_diffrn_radiation.diffrn_id                        1 
_diffrn_radiation.wavelength_id                    1 
_diffrn_radiation.pdbx_monochromatic_or_laue_m_l   M 
_diffrn_radiation.monochromator                    ? 
_diffrn_radiation.pdbx_diffrn_protocol             'SINGLE WAVELENGTH' 
_diffrn_radiation.pdbx_scattering_type             x-ray 
# 
_diffrn_radiation_wavelength.id           1 
_diffrn_radiation_wavelength.wavelength   1.0 
_diffrn_radiation_wavelength.wt           1.0 
# 
_diffrn_source.diffrn_id                   1 
_diffrn_source.source                      SYNCHROTRON 
_diffrn_source.type                        'PHOTON FACTORY BEAMLINE BL-6A' 
_diffrn_source.pdbx_synchrotron_site       'Photon Factory' 
_diffrn_source.pdbx_synchrotron_beamline   BL-6A 
_diffrn_source.pdbx_wavelength             ? 
_diffrn_source.pdbx_wavelength_list        1.0 
# 
_reflns.entry_id                     1UE2 
_reflns.observed_criterion_sigma_F   ? 
_reflns.observed_criterion_sigma_I   ? 
_reflns.d_resolution_high            1.4 
_reflns.d_resolution_low             18 
_reflns.number_all                   5562 
_reflns.number_obs                   5553 
_reflns.percent_possible_obs         99.9 
_reflns.pdbx_Rmerge_I_obs            0.061 
_reflns.pdbx_Rsym_value              ? 
_reflns.pdbx_netI_over_sigmaI        6.8 
_reflns.B_iso_Wilson_estimate        ? 
_reflns.pdbx_redundancy              ? 
_reflns.R_free_details               ? 
_reflns.pdbx_ordinal                 1 
_reflns.pdbx_diffrn_id               1 
# 
_reflns_shell.d_res_high             1.4 
_reflns_shell.d_res_low              1.43 
_reflns_shell.percent_possible_all   100 
_reflns_shell.Rmerge_I_obs           0.265 
_reflns_shell.pdbx_Rsym_value        ? 
_reflns_shell.meanI_over_sigI_obs    2.6 
_reflns_shell.pdbx_redundancy        ? 
_reflns_shell.percent_possible_obs   ? 
_reflns_shell.number_unique_all      ? 
_reflns_shell.pdbx_ordinal           1 
_reflns_shell.pdbx_diffrn_id         1 
# 
_refine.entry_id                                 1UE2 
_refine.ls_d_res_high                            1.4 
_refine.ls_d_res_low                             10 
_refine.pdbx_ls_sigma_F                          3 
_refine.pdbx_ls_sigma_I                          ? 
_refine.ls_number_reflns_all                     5512 
_refine.ls_number_reflns_obs                     5111 
_refine.ls_number_reflns_R_free                  613 
_refine.ls_percent_reflns_obs                    ? 
_refine.ls_R_factor_all                          ? 
_refine.ls_R_factor_obs                          ? 
_refine.ls_R_factor_R_work                       0.2091 
_refine.ls_R_factor_R_free                       0.2357 
_refine.ls_redundancy_reflns_obs                 ? 
_refine.pdbx_data_cutoff_high_absF               ? 
_refine.pdbx_data_cutoff_low_absF                ? 
_refine.ls_number_parameters                     ? 
_refine.ls_number_restraints                     ? 
_refine.ls_percent_reflns_R_free                 ? 
_refine.ls_R_factor_R_free_error                 ? 
_refine.ls_R_factor_R_free_error_details         ? 
_refine.pdbx_method_to_determine_struct          'HEAVY-ATOM METHOD' 
_refine.pdbx_starting_model                      ? 
_refine.pdbx_ls_cross_valid_method               ? 
_refine.pdbx_R_Free_selection_details            RANDOM 
_refine.pdbx_stereochem_target_val_spec_case     ? 
_refine.pdbx_stereochemistry_target_values       'G. PARKINSON ET AL., (1996) ACTACRYST. D52, 57-64' 
_refine.solvent_model_details                    ? 
_refine.solvent_model_param_bsol                 ? 
_refine.solvent_model_param_ksol                 ? 
_refine.occupancy_max                            ? 
_refine.occupancy_min                            ? 
_refine.pdbx_isotropic_thermal_model             ? 
_refine.B_iso_mean                               ? 
_refine.aniso_B[1][1]                            ? 
_refine.aniso_B[1][2]                            ? 
_refine.aniso_B[1][3]                            ? 
_refine.aniso_B[2][2]                            ? 
_refine.aniso_B[2][3]                            ? 
_refine.aniso_B[3][3]                            ? 
_refine.details                                  ? 
_refine.correlation_coeff_Fo_to_Fc               ? 
_refine.correlation_coeff_Fo_to_Fc_free          ? 
_refine.pdbx_solvent_vdw_probe_radii             ? 
_refine.pdbx_solvent_ion_probe_radii             ? 
_refine.pdbx_solvent_shrinkage_radii             ? 
_refine.overall_SU_R_Cruickshank_DPI             ? 
_refine.overall_SU_R_free                        ? 
_refine.overall_SU_B                             ? 
_refine.overall_SU_ML                            ? 
_refine.pdbx_overall_ESU_R                       ? 
_refine.pdbx_overall_ESU_R_Free                  ? 
_refine.pdbx_data_cutoff_high_rms_absF           ? 
_refine.pdbx_refine_id                           'X-RAY DIFFRACTION' 
_refine.pdbx_diffrn_id                           1 
_refine.pdbx_TLS_residual_ADP_flag               ? 
_refine.pdbx_overall_phase_error                 ? 
_refine.pdbx_overall_SU_R_free_Cruickshank_DPI   ? 
_refine.pdbx_overall_SU_R_Blow_DPI               ? 
_refine.pdbx_overall_SU_R_free_Blow_DPI          ? 
# 
_refine_hist.pdbx_refine_id                   'X-RAY DIFFRACTION' 
_refine_hist.cycle_id                         LAST 
_refine_hist.pdbx_number_atoms_protein        0 
_refine_hist.pdbx_number_atoms_nucleic_acid   168 
_refine_hist.pdbx_number_atoms_ligand         5 
_refine_hist.number_atoms_solvent             54 
_refine_hist.number_atoms_total               227 
_refine_hist.d_res_high                       1.4 
_refine_hist.d_res_low                        10 
# 
loop_
_refine_ls_restr.type 
_refine_ls_restr.dev_ideal 
_refine_ls_restr.dev_ideal_target 
_refine_ls_restr.weight 
_refine_ls_restr.number 
_refine_ls_restr.pdbx_refine_id 
_refine_ls_restr.pdbx_restraint_function 
c_angle_deg 0.9   ? ? ? 'X-RAY DIFFRACTION' ? 
c_bond_d    0.005 ? ? ? 'X-RAY DIFFRACTION' ? 
# 
_refine_ls_shell.pdbx_total_number_of_bins_used   ? 
_refine_ls_shell.d_res_high                       1.4 
_refine_ls_shell.d_res_low                        1.45 
_refine_ls_shell.number_reflns_R_work             ? 
_refine_ls_shell.R_factor_R_work                  0.2336 
_refine_ls_shell.percent_reflns_obs               ? 
_refine_ls_shell.R_factor_R_free                  0.3202 
_refine_ls_shell.R_factor_R_free_error            ? 
_refine_ls_shell.percent_reflns_R_free            ? 
_refine_ls_shell.number_reflns_R_free             54 
_refine_ls_shell.redundancy_reflns_obs            ? 
_refine_ls_shell.pdbx_refine_id                   'X-RAY DIFFRACTION' 
_refine_ls_shell.number_reflns_all                ? 
_refine_ls_shell.R_factor_all                     ? 
# 
_struct.entry_id                  1UE2 
_struct.title                     'Crystal structure of d(GC38GAAAGCT)' 
_struct.pdbx_model_details        ? 
_struct.pdbx_CASP_flag            ? 
_struct.pdbx_model_type_details   ? 
# 
_struct_keywords.entry_id        1UE2 
_struct_keywords.pdbx_keywords   DNA 
_struct_keywords.text            'DNA, base-intercalated duplex, mini-hairpin structure, sheared G:A pair, zipper-like duplex' 
# 
loop_
_struct_asym.id 
_struct_asym.pdbx_blank_PDB_chainid_flag 
_struct_asym.pdbx_modified 
_struct_asym.entity_id 
_struct_asym.details 
A N N 1 ? 
B N N 2 ? 
C N N 3 ? 
D N N 4 ? 
E N N 5 ? 
# 
_struct_ref.id                         1 
_struct_ref.entity_id                  1 
_struct_ref.db_name                    PDB 
_struct_ref.db_code                    1UE2 
_struct_ref.pdbx_db_accession          1UE2 
_struct_ref.pdbx_db_isoform            ? 
_struct_ref.pdbx_seq_one_letter_code   ? 
_struct_ref.pdbx_align_begin           ? 
# 
_struct_ref_seq.align_id                      1 
_struct_ref_seq.ref_id                        1 
_struct_ref_seq.pdbx_PDB_id_code              1UE2 
_struct_ref_seq.pdbx_strand_id                A 
_struct_ref_seq.seq_align_beg                 1 
_struct_ref_seq.pdbx_seq_align_beg_ins_code   ? 
_struct_ref_seq.seq_align_end                 9 
_struct_ref_seq.pdbx_seq_align_end_ins_code   ? 
_struct_ref_seq.pdbx_db_accession             1UE2 
_struct_ref_seq.db_align_beg                  1 
_struct_ref_seq.pdbx_db_align_beg_ins_code    ? 
_struct_ref_seq.db_align_end                  9 
_struct_ref_seq.pdbx_db_align_end_ins_code    ? 
_struct_ref_seq.pdbx_auth_seq_align_beg       1 
_struct_ref_seq.pdbx_auth_seq_align_end       9 
# 
_pdbx_struct_assembly.id                   1 
_pdbx_struct_assembly.details              author_defined_assembly 
_pdbx_struct_assembly.method_details       ? 
_pdbx_struct_assembly.oligomeric_details   dimeric 
_pdbx_struct_assembly.oligomeric_count     2 
# 
_pdbx_struct_assembly_gen.assembly_id       1 
_pdbx_struct_assembly_gen.oper_expression   1,2 
_pdbx_struct_assembly_gen.asym_id_list      A,B,C,D,E 
# 
loop_
_pdbx_struct_oper_list.id 
_pdbx_struct_oper_list.type 
_pdbx_struct_oper_list.name 
_pdbx_struct_oper_list.symmetry_operation 
_pdbx_struct_oper_list.matrix[1][1] 
_pdbx_struct_oper_list.matrix[1][2] 
_pdbx_struct_oper_list.matrix[1][3] 
_pdbx_struct_oper_list.vector[1] 
_pdbx_struct_oper_list.matrix[2][1] 
_pdbx_struct_oper_list.matrix[2][2] 
_pdbx_struct_oper_list.matrix[2][3] 
_pdbx_struct_oper_list.vector[2] 
_pdbx_struct_oper_list.matrix[3][1] 
_pdbx_struct_oper_list.matrix[3][2] 
_pdbx_struct_oper_list.matrix[3][3] 
_pdbx_struct_oper_list.vector[3] 
1 'identity operation'         1_555  x,y,z            1.0000000000 0.0000000000  0.0000000000 0.0000000000  0.0000000000  1.0000000000  0.0000000000  0.0000000000 0.0000000000 0.0000000000  1.0000000000  0.0000000000 
2 'crystal symmetry operation' 10_666 -y+1,-x+1,-z+3/2 0.1717325440 -0.7276828960 0.6640674184 -0.5724682538 -0.7276828960 -0.5480859520 -0.4124068284 1.0313998195 0.6640674184 -0.4124068284 -0.6236465920 2.1403123415 
# 
_struct_biol.id                    1 
_struct_biol.pdbx_parent_biol_id   ? 
_struct_biol.details               ? 
# 
loop_
_struct_conn.id 
_struct_conn.conn_type_id 
_struct_conn.pdbx_leaving_atom_flag 
_struct_conn.pdbx_PDB_id 
_struct_conn.ptnr1_label_asym_id 
_struct_conn.ptnr1_label_comp_id 
_struct_conn.ptnr1_label_seq_id 
_struct_conn.ptnr1_label_atom_id 
_struct_conn.pdbx_ptnr1_label_alt_id 
_struct_conn.pdbx_ptnr1_PDB_ins_code 
_struct_conn.pdbx_ptnr1_standard_comp_id 
_struct_conn.ptnr1_symmetry 
_struct_conn.ptnr2_label_asym_id 
_struct_conn.ptnr2_label_comp_id 
_struct_conn.ptnr2_label_seq_id 
_struct_conn.ptnr2_label_atom_id 
_struct_conn.pdbx_ptnr2_label_alt_id 
_struct_conn.pdbx_ptnr2_PDB_ins_code 
_struct_conn.ptnr1_auth_asym_id 
_struct_conn.ptnr1_auth_comp_id 
_struct_conn.ptnr1_auth_seq_id 
_struct_conn.ptnr2_auth_asym_id 
_struct_conn.ptnr2_auth_comp_id 
_struct_conn.ptnr2_auth_seq_id 
_struct_conn.ptnr2_symmetry 
_struct_conn.pdbx_ptnr3_label_atom_id 
_struct_conn.pdbx_ptnr3_label_seq_id 
_struct_conn.pdbx_ptnr3_label_comp_id 
_struct_conn.pdbx_ptnr3_label_asym_id 
_struct_conn.pdbx_ptnr3_label_alt_id 
_struct_conn.pdbx_ptnr3_PDB_ins_code 
_struct_conn.details 
_struct_conn.pdbx_dist_value 
_struct_conn.pdbx_value_order 
_struct_conn.pdbx_role 
covale1  covale both ? A DG  1 "O3'" ? ? ? 1_555 A C38 2 P  ? ? A DG  1   A C38 2   1_555 ? ? ? ? ? ? ?            1.608 ? ? 
covale2  covale one  ? A C38 2 "O3'" ? ? ? 1_555 A DG  3 P  ? ? A C38 2   A DG  3   1_555 ? ? ? ? ? ? ?            1.608 ? ? 
metalc1  metalc ?    ? C MG  . MG    ? ? ? 1_555 E HOH . O  ? ? A MG  767 A HOH 768 1_555 ? ? ? ? ? ? ?            2.071 ? ? 
metalc2  metalc ?    ? C MG  . MG    ? ? ? 1_555 E HOH . O  ? ? A MG  767 A HOH 769 1_555 ? ? ? ? ? ? ?            2.058 ? ? 
metalc3  metalc ?    ? C MG  . MG    ? ? ? 1_555 E HOH . O  ? ? A MG  767 A HOH 770 1_555 ? ? ? ? ? ? ?            2.056 ? ? 
metalc4  metalc ?    ? C MG  . MG    ? ? ? 1_555 E HOH . O  ? ? A MG  767 A HOH 771 1_555 ? ? ? ? ? ? ?            2.061 ? ? 
metalc5  metalc ?    ? C MG  . MG    ? ? ? 1_555 E HOH . O  ? ? A MG  767 A HOH 772 1_555 ? ? ? ? ? ? ?            2.071 ? ? 
metalc6  metalc ?    ? C MG  . MG    ? ? ? 1_555 E HOH . O  ? ? A MG  767 A HOH 773 1_555 ? ? ? ? ? ? ?            2.059 ? ? 
hydrog1  hydrog ?    ? A DG  1 N1    ? ? ? 1_555 A DC  8 N3 ? ? A DG  1   A DC  8   8_666 ? ? ? ? ? ? WATSON-CRICK ?     ? ? 
hydrog2  hydrog ?    ? A DG  1 N2    ? ? ? 1_555 A DC  8 O2 ? ? A DG  1   A DC  8   8_666 ? ? ? ? ? ? WATSON-CRICK ?     ? ? 
hydrog3  hydrog ?    ? A DG  1 O6    ? ? ? 1_555 A DC  8 N4 ? ? A DG  1   A DC  8   8_666 ? ? ? ? ? ? WATSON-CRICK ?     ? ? 
hydrog4  hydrog ?    ? A C38 2 N3    ? ? ? 1_555 A DG  7 N1 ? ? A C38 2   A DG  7   8_666 ? ? ? ? ? ? WATSON-CRICK ?     ? ? 
hydrog5  hydrog ?    ? A C38 2 N4    ? ? ? 1_555 A DG  7 O6 ? ? A C38 2   A DG  7   8_666 ? ? ? ? ? ? WATSON-CRICK ?     ? ? 
hydrog6  hydrog ?    ? A C38 2 O2    ? ? ? 1_555 A DG  7 N2 ? ? A C38 2   A DG  7   8_666 ? ? ? ? ? ? WATSON-CRICK ?     ? ? 
hydrog7  hydrog ?    ? A DG  3 N2    ? ? ? 1_555 A DA  6 N7 ? ? A DG  3   A DA  6   8_666 ? ? ? ? ? ? TYPE_11_PAIR ?     ? ? 
hydrog8  hydrog ?    ? A DG  3 N3    ? ? ? 1_555 A DA  6 N6 ? ? A DG  3   A DA  6   8_666 ? ? ? ? ? ? TYPE_11_PAIR ?     ? ? 
hydrog9  hydrog ?    ? A DA  6 N6    ? ? ? 1_555 A DG  3 N3 ? ? A DA  6   A DG  3   8_666 ? ? ? ? ? ? TYPE_11_PAIR ?     ? ? 
hydrog10 hydrog ?    ? A DA  6 N7    ? ? ? 1_555 A DG  3 N2 ? ? A DA  6   A DG  3   8_666 ? ? ? ? ? ? TYPE_11_PAIR ?     ? ? 
hydrog11 hydrog ?    ? A DG  7 N1    ? ? ? 1_555 A C38 2 N3 ? ? A DG  7   A C38 2   8_666 ? ? ? ? ? ? WATSON-CRICK ?     ? ? 
hydrog12 hydrog ?    ? A DG  7 N2    ? ? ? 1_555 A C38 2 O2 ? ? A DG  7   A C38 2   8_666 ? ? ? ? ? ? WATSON-CRICK ?     ? ? 
hydrog13 hydrog ?    ? A DG  7 O6    ? ? ? 1_555 A C38 2 N4 ? ? A DG  7   A C38 2   8_666 ? ? ? ? ? ? WATSON-CRICK ?     ? ? 
hydrog14 hydrog ?    ? A DC  8 N3    ? ? ? 1_555 A DG  1 N1 ? ? A DC  8   A DG  1   8_666 ? ? ? ? ? ? WATSON-CRICK ?     ? ? 
hydrog15 hydrog ?    ? A DC  8 N4    ? ? ? 1_555 A DG  1 O6 ? ? A DC  8   A DG  1   8_666 ? ? ? ? ? ? WATSON-CRICK ?     ? ? 
hydrog16 hydrog ?    ? A DC  8 O2    ? ? ? 1_555 A DG  1 N2 ? ? A DC  8   A DG  1   8_666 ? ? ? ? ? ? WATSON-CRICK ?     ? ? 
# 
loop_
_struct_conn_type.id 
_struct_conn_type.criteria 
_struct_conn_type.reference 
covale ? ? 
metalc ? ? 
hydrog ? ? 
# 
loop_
_pdbx_struct_conn_angle.id 
_pdbx_struct_conn_angle.ptnr1_label_atom_id 
_pdbx_struct_conn_angle.ptnr1_label_alt_id 
_pdbx_struct_conn_angle.ptnr1_label_asym_id 
_pdbx_struct_conn_angle.ptnr1_label_comp_id 
_pdbx_struct_conn_angle.ptnr1_label_seq_id 
_pdbx_struct_conn_angle.ptnr1_auth_atom_id 
_pdbx_struct_conn_angle.ptnr1_auth_asym_id 
_pdbx_struct_conn_angle.ptnr1_auth_comp_id 
_pdbx_struct_conn_angle.ptnr1_auth_seq_id 
_pdbx_struct_conn_angle.ptnr1_PDB_ins_code 
_pdbx_struct_conn_angle.ptnr1_symmetry 
_pdbx_struct_conn_angle.ptnr2_label_atom_id 
_pdbx_struct_conn_angle.ptnr2_label_alt_id 
_pdbx_struct_conn_angle.ptnr2_label_asym_id 
_pdbx_struct_conn_angle.ptnr2_label_comp_id 
_pdbx_struct_conn_angle.ptnr2_label_seq_id 
_pdbx_struct_conn_angle.ptnr2_auth_atom_id 
_pdbx_struct_conn_angle.ptnr2_auth_asym_id 
_pdbx_struct_conn_angle.ptnr2_auth_comp_id 
_pdbx_struct_conn_angle.ptnr2_auth_seq_id 
_pdbx_struct_conn_angle.ptnr2_PDB_ins_code 
_pdbx_struct_conn_angle.ptnr2_symmetry 
_pdbx_struct_conn_angle.ptnr3_label_atom_id 
_pdbx_struct_conn_angle.ptnr3_label_alt_id 
_pdbx_struct_conn_angle.ptnr3_label_asym_id 
_pdbx_struct_conn_angle.ptnr3_label_comp_id 
_pdbx_struct_conn_angle.ptnr3_label_seq_id 
_pdbx_struct_conn_angle.ptnr3_auth_atom_id 
_pdbx_struct_conn_angle.ptnr3_auth_asym_id 
_pdbx_struct_conn_angle.ptnr3_auth_comp_id 
_pdbx_struct_conn_angle.ptnr3_auth_seq_id 
_pdbx_struct_conn_angle.ptnr3_PDB_ins_code 
_pdbx_struct_conn_angle.ptnr3_symmetry 
_pdbx_struct_conn_angle.value 
_pdbx_struct_conn_angle.value_esd 
1  O ? E HOH . ? A HOH 768 ? 1_555 MG ? C MG . ? A MG 767 ? 1_555 O ? E HOH . ? A HOH 769 ? 1_555 90.2  ? 
2  O ? E HOH . ? A HOH 768 ? 1_555 MG ? C MG . ? A MG 767 ? 1_555 O ? E HOH . ? A HOH 770 ? 1_555 90.2  ? 
3  O ? E HOH . ? A HOH 769 ? 1_555 MG ? C MG . ? A MG 767 ? 1_555 O ? E HOH . ? A HOH 770 ? 1_555 90.1  ? 
4  O ? E HOH . ? A HOH 768 ? 1_555 MG ? C MG . ? A MG 767 ? 1_555 O ? E HOH . ? A HOH 771 ? 1_555 179.6 ? 
5  O ? E HOH . ? A HOH 769 ? 1_555 MG ? C MG . ? A MG 767 ? 1_555 O ? E HOH . ? A HOH 771 ? 1_555 89.8  ? 
6  O ? E HOH . ? A HOH 770 ? 1_555 MG ? C MG . ? A MG 767 ? 1_555 O ? E HOH . ? A HOH 771 ? 1_555 90.2  ? 
7  O ? E HOH . ? A HOH 768 ? 1_555 MG ? C MG . ? A MG 767 ? 1_555 O ? E HOH . ? A HOH 772 ? 1_555 90.5  ? 
8  O ? E HOH . ? A HOH 769 ? 1_555 MG ? C MG . ? A MG 767 ? 1_555 O ? E HOH . ? A HOH 772 ? 1_555 179.3 ? 
9  O ? E HOH . ? A HOH 770 ? 1_555 MG ? C MG . ? A MG 767 ? 1_555 O ? E HOH . ? A HOH 772 ? 1_555 90.0  ? 
10 O ? E HOH . ? A HOH 771 ? 1_555 MG ? C MG . ? A MG 767 ? 1_555 O ? E HOH . ? A HOH 772 ? 1_555 89.5  ? 
11 O ? E HOH . ? A HOH 768 ? 1_555 MG ? C MG . ? A MG 767 ? 1_555 O ? E HOH . ? A HOH 773 ? 1_555 89.9  ? 
12 O ? E HOH . ? A HOH 769 ? 1_555 MG ? C MG . ? A MG 767 ? 1_555 O ? E HOH . ? A HOH 773 ? 1_555 90.2  ? 
13 O ? E HOH . ? A HOH 770 ? 1_555 MG ? C MG . ? A MG 767 ? 1_555 O ? E HOH . ? A HOH 773 ? 1_555 179.7 ? 
14 O ? E HOH . ? A HOH 771 ? 1_555 MG ? C MG . ? A MG 767 ? 1_555 O ? E HOH . ? A HOH 773 ? 1_555 89.7  ? 
15 O ? E HOH . ? A HOH 772 ? 1_555 MG ? C MG . ? A MG 767 ? 1_555 O ? E HOH . ? A HOH 773 ? 1_555 89.8  ? 
# 
loop_
_struct_site.id 
_struct_site.pdbx_evidence_code 
_struct_site.pdbx_auth_asym_id 
_struct_site.pdbx_auth_comp_id 
_struct_site.pdbx_auth_seq_id 
_struct_site.pdbx_auth_ins_code 
_struct_site.pdbx_num_residues 
_struct_site.details 
AC1 Software A CL  10  ? 3 'BINDING SITE FOR RESIDUE CL A 10'   
AC2 Software A MG  767 ? 6 'BINDING SITE FOR RESIDUE MG A 767'  
AC3 Software A NCO 766 ? 3 'BINDING SITE FOR RESIDUE NCO A 766' 
# 
loop_
_struct_site_gen.id 
_struct_site_gen.site_id 
_struct_site_gen.pdbx_num_res 
_struct_site_gen.label_comp_id 
_struct_site_gen.label_asym_id 
_struct_site_gen.label_seq_id 
_struct_site_gen.pdbx_auth_ins_code 
_struct_site_gen.auth_comp_id 
_struct_site_gen.auth_asym_id 
_struct_site_gen.auth_seq_id 
_struct_site_gen.label_atom_id 
_struct_site_gen.label_alt_id 
_struct_site_gen.symmetry 
_struct_site_gen.details 
1  AC1 3 DA  A 4 ? DA  A 4   . ? 3_565 ? 
2  AC1 3 DA  A 4 ? DA  A 4   . ? 2_665 ? 
3  AC1 3 DA  A 4 ? DA  A 4   . ? 1_555 ? 
4  AC2 6 HOH E . ? HOH A 768 . ? 1_555 ? 
5  AC2 6 HOH E . ? HOH A 769 . ? 1_555 ? 
6  AC2 6 HOH E . ? HOH A 770 . ? 1_555 ? 
7  AC2 6 HOH E . ? HOH A 771 . ? 1_555 ? 
8  AC2 6 HOH E . ? HOH A 772 . ? 1_555 ? 
9  AC2 6 HOH E . ? HOH A 773 . ? 1_555 ? 
10 AC3 3 DG  A 3 ? DG  A 3   . ? 2_665 ? 
11 AC3 3 DG  A 3 ? DG  A 3   . ? 1_555 ? 
12 AC3 3 HOH E . ? HOH A 779 . ? 2_665 ? 
# 
loop_
_pdbx_validate_planes.id 
_pdbx_validate_planes.PDB_model_num 
_pdbx_validate_planes.auth_comp_id 
_pdbx_validate_planes.auth_asym_id 
_pdbx_validate_planes.auth_seq_id 
_pdbx_validate_planes.PDB_ins_code 
_pdbx_validate_planes.label_alt_id 
_pdbx_validate_planes.rmsd 
_pdbx_validate_planes.type 
1 1 DG A 3 ? ? 0.061 'SIDE CHAIN' 
2 1 DA A 6 ? ? 0.057 'SIDE CHAIN' 
# 
_pdbx_struct_mod_residue.id               1 
_pdbx_struct_mod_residue.label_asym_id    A 
_pdbx_struct_mod_residue.label_comp_id    C38 
_pdbx_struct_mod_residue.label_seq_id     2 
_pdbx_struct_mod_residue.auth_asym_id     A 
_pdbx_struct_mod_residue.auth_comp_id     C38 
_pdbx_struct_mod_residue.auth_seq_id      2 
_pdbx_struct_mod_residue.PDB_ins_code     ? 
_pdbx_struct_mod_residue.parent_comp_id   DC 
_pdbx_struct_mod_residue.details          ? 
# 
loop_
_pdbx_struct_special_symmetry.id 
_pdbx_struct_special_symmetry.PDB_model_num 
_pdbx_struct_special_symmetry.auth_asym_id 
_pdbx_struct_special_symmetry.auth_comp_id 
_pdbx_struct_special_symmetry.auth_seq_id 
_pdbx_struct_special_symmetry.PDB_ins_code 
_pdbx_struct_special_symmetry.label_asym_id 
_pdbx_struct_special_symmetry.label_comp_id 
_pdbx_struct_special_symmetry.label_seq_id 
1 1 A CL  10  ? B CL  . 
2 1 A NCO 766 ? D NCO . 
3 1 A HOH 774 ? E HOH . 
4 1 A HOH 775 ? E HOH . 
5 1 A HOH 776 ? E HOH . 
6 1 A HOH 777 ? E HOH . 
# 
loop_
_chem_comp_atom.comp_id 
_chem_comp_atom.atom_id 
_chem_comp_atom.type_symbol 
_chem_comp_atom.pdbx_aromatic_flag 
_chem_comp_atom.pdbx_stereo_config 
_chem_comp_atom.pdbx_ordinal 
C38 O3P    O  N N 1   
C38 P      P  N N 2   
C38 O1P    O  N N 3   
C38 O2P    O  N N 4   
C38 "O5'"  O  N N 5   
C38 "C5'"  C  N N 6   
C38 "C4'"  C  N R 7   
C38 "O4'"  O  N N 8   
C38 "C3'"  C  N S 9   
C38 "O3'"  O  N N 10  
C38 "C2'"  C  N N 11  
C38 "C1'"  C  N R 12  
C38 N1     N  N N 13  
C38 C2     C  N N 14  
C38 O2     O  N N 15  
C38 N3     N  N N 16  
C38 C4     C  N N 17  
C38 N4     N  N N 18  
C38 C5     C  N N 19  
C38 C6     C  N N 20  
C38 I      I  N N 21  
C38 H3P    H  N N 22  
C38 H2P    H  N N 23  
C38 "H5'1" H  N N 24  
C38 "H5'2" H  N N 25  
C38 "H4'"  H  N N 26  
C38 "H3'"  H  N N 27  
C38 HA     H  N N 28  
C38 "H2'1" H  N N 29  
C38 "H2'2" H  N N 30  
C38 "H1'"  H  N N 31  
C38 H4N1   H  N N 32  
C38 H4N2   H  N N 33  
C38 H6     H  N N 34  
CL  CL     CL N N 35  
DA  OP3    O  N N 36  
DA  P      P  N N 37  
DA  OP1    O  N N 38  
DA  OP2    O  N N 39  
DA  "O5'"  O  N N 40  
DA  "C5'"  C  N N 41  
DA  "C4'"  C  N R 42  
DA  "O4'"  O  N N 43  
DA  "C3'"  C  N S 44  
DA  "O3'"  O  N N 45  
DA  "C2'"  C  N N 46  
DA  "C1'"  C  N R 47  
DA  N9     N  Y N 48  
DA  C8     C  Y N 49  
DA  N7     N  Y N 50  
DA  C5     C  Y N 51  
DA  C6     C  Y N 52  
DA  N6     N  N N 53  
DA  N1     N  Y N 54  
DA  C2     C  Y N 55  
DA  N3     N  Y N 56  
DA  C4     C  Y N 57  
DA  HOP3   H  N N 58  
DA  HOP2   H  N N 59  
DA  "H5'"  H  N N 60  
DA  "H5''" H  N N 61  
DA  "H4'"  H  N N 62  
DA  "H3'"  H  N N 63  
DA  "HO3'" H  N N 64  
DA  "H2'"  H  N N 65  
DA  "H2''" H  N N 66  
DA  "H1'"  H  N N 67  
DA  H8     H  N N 68  
DA  H61    H  N N 69  
DA  H62    H  N N 70  
DA  H2     H  N N 71  
DC  OP3    O  N N 72  
DC  P      P  N N 73  
DC  OP1    O  N N 74  
DC  OP2    O  N N 75  
DC  "O5'"  O  N N 76  
DC  "C5'"  C  N N 77  
DC  "C4'"  C  N R 78  
DC  "O4'"  O  N N 79  
DC  "C3'"  C  N S 80  
DC  "O3'"  O  N N 81  
DC  "C2'"  C  N N 82  
DC  "C1'"  C  N R 83  
DC  N1     N  N N 84  
DC  C2     C  N N 85  
DC  O2     O  N N 86  
DC  N3     N  N N 87  
DC  C4     C  N N 88  
DC  N4     N  N N 89  
DC  C5     C  N N 90  
DC  C6     C  N N 91  
DC  HOP3   H  N N 92  
DC  HOP2   H  N N 93  
DC  "H5'"  H  N N 94  
DC  "H5''" H  N N 95  
DC  "H4'"  H  N N 96  
DC  "H3'"  H  N N 97  
DC  "HO3'" H  N N 98  
DC  "H2'"  H  N N 99  
DC  "H2''" H  N N 100 
DC  "H1'"  H  N N 101 
DC  H41    H  N N 102 
DC  H42    H  N N 103 
DC  H5     H  N N 104 
DC  H6     H  N N 105 
DG  OP3    O  N N 106 
DG  P      P  N N 107 
DG  OP1    O  N N 108 
DG  OP2    O  N N 109 
DG  "O5'"  O  N N 110 
DG  "C5'"  C  N N 111 
DG  "C4'"  C  N R 112 
DG  "O4'"  O  N N 113 
DG  "C3'"  C  N S 114 
DG  "O3'"  O  N N 115 
DG  "C2'"  C  N N 116 
DG  "C1'"  C  N R 117 
DG  N9     N  Y N 118 
DG  C8     C  Y N 119 
DG  N7     N  Y N 120 
DG  C5     C  Y N 121 
DG  C6     C  N N 122 
DG  O6     O  N N 123 
DG  N1     N  N N 124 
DG  C2     C  N N 125 
DG  N2     N  N N 126 
DG  N3     N  N N 127 
DG  C4     C  Y N 128 
DG  HOP3   H  N N 129 
DG  HOP2   H  N N 130 
DG  "H5'"  H  N N 131 
DG  "H5''" H  N N 132 
DG  "H4'"  H  N N 133 
DG  "H3'"  H  N N 134 
DG  "HO3'" H  N N 135 
DG  "H2'"  H  N N 136 
DG  "H2''" H  N N 137 
DG  "H1'"  H  N N 138 
DG  H8     H  N N 139 
DG  H1     H  N N 140 
DG  H21    H  N N 141 
DG  H22    H  N N 142 
DT  OP3    O  N N 143 
DT  P      P  N N 144 
DT  OP1    O  N N 145 
DT  OP2    O  N N 146 
DT  "O5'"  O  N N 147 
DT  "C5'"  C  N N 148 
DT  "C4'"  C  N R 149 
DT  "O4'"  O  N N 150 
DT  "C3'"  C  N S 151 
DT  "O3'"  O  N N 152 
DT  "C2'"  C  N N 153 
DT  "C1'"  C  N R 154 
DT  N1     N  N N 155 
DT  C2     C  N N 156 
DT  O2     O  N N 157 
DT  N3     N  N N 158 
DT  C4     C  N N 159 
DT  O4     O  N N 160 
DT  C5     C  N N 161 
DT  C7     C  N N 162 
DT  C6     C  N N 163 
DT  HOP3   H  N N 164 
DT  HOP2   H  N N 165 
DT  "H5'"  H  N N 166 
DT  "H5''" H  N N 167 
DT  "H4'"  H  N N 168 
DT  "H3'"  H  N N 169 
DT  "HO3'" H  N N 170 
DT  "H2'"  H  N N 171 
DT  "H2''" H  N N 172 
DT  "H1'"  H  N N 173 
DT  H3     H  N N 174 
DT  H71    H  N N 175 
DT  H72    H  N N 176 
DT  H73    H  N N 177 
DT  H6     H  N N 178 
HOH O      O  N N 179 
HOH H1     H  N N 180 
HOH H2     H  N N 181 
MG  MG     MG N N 182 
NCO CO     CO N N 183 
NCO N1     N  N N 184 
NCO N2     N  N N 185 
NCO N3     N  N N 186 
NCO N4     N  N N 187 
NCO N5     N  N N 188 
NCO N6     N  N N 189 
NCO HN11   H  N N 190 
NCO HN12   H  N N 191 
NCO HN13   H  N N 192 
NCO HN21   H  N N 193 
NCO HN22   H  N N 194 
NCO HN23   H  N N 195 
NCO HN31   H  N N 196 
NCO HN32   H  N N 197 
NCO HN33   H  N N 198 
NCO HN41   H  N N 199 
NCO HN42   H  N N 200 
NCO HN43   H  N N 201 
NCO HN51   H  N N 202 
NCO HN52   H  N N 203 
NCO HN53   H  N N 204 
NCO HN61   H  N N 205 
NCO HN62   H  N N 206 
NCO HN63   H  N N 207 
# 
loop_
_chem_comp_bond.comp_id 
_chem_comp_bond.atom_id_1 
_chem_comp_bond.atom_id_2 
_chem_comp_bond.value_order 
_chem_comp_bond.pdbx_aromatic_flag 
_chem_comp_bond.pdbx_stereo_config 
_chem_comp_bond.pdbx_ordinal 
C38 O3P   P      sing N N 1   
C38 O3P   H3P    sing N N 2   
C38 P     O1P    doub N N 3   
C38 P     O2P    sing N N 4   
C38 P     "O5'"  sing N N 5   
C38 O2P   H2P    sing N N 6   
C38 "O5'" "C5'"  sing N N 7   
C38 "C5'" "C4'"  sing N N 8   
C38 "C5'" "H5'1" sing N N 9   
C38 "C5'" "H5'2" sing N N 10  
C38 "C4'" "O4'"  sing N N 11  
C38 "C4'" "C3'"  sing N N 12  
C38 "C4'" "H4'"  sing N N 13  
C38 "O4'" "C1'"  sing N N 14  
C38 "C3'" "O3'"  sing N N 15  
C38 "C3'" "C2'"  sing N N 16  
C38 "C3'" "H3'"  sing N N 17  
C38 "O3'" HA     sing N N 18  
C38 "C2'" "C1'"  sing N N 19  
C38 "C2'" "H2'1" sing N N 20  
C38 "C2'" "H2'2" sing N N 21  
C38 "C1'" N1     sing N N 22  
C38 "C1'" "H1'"  sing N N 23  
C38 N1    C2     sing N N 24  
C38 N1    C6     sing N N 25  
C38 C2    O2     doub N N 26  
C38 C2    N3     sing N N 27  
C38 N3    C4     doub N N 28  
C38 C4    N4     sing N N 29  
C38 C4    C5     sing N N 30  
C38 N4    H4N1   sing N N 31  
C38 N4    H4N2   sing N N 32  
C38 C5    C6     doub N N 33  
C38 C5    I      sing N N 34  
C38 C6    H6     sing N N 35  
DA  OP3   P      sing N N 36  
DA  OP3   HOP3   sing N N 37  
DA  P     OP1    doub N N 38  
DA  P     OP2    sing N N 39  
DA  P     "O5'"  sing N N 40  
DA  OP2   HOP2   sing N N 41  
DA  "O5'" "C5'"  sing N N 42  
DA  "C5'" "C4'"  sing N N 43  
DA  "C5'" "H5'"  sing N N 44  
DA  "C5'" "H5''" sing N N 45  
DA  "C4'" "O4'"  sing N N 46  
DA  "C4'" "C3'"  sing N N 47  
DA  "C4'" "H4'"  sing N N 48  
DA  "O4'" "C1'"  sing N N 49  
DA  "C3'" "O3'"  sing N N 50  
DA  "C3'" "C2'"  sing N N 51  
DA  "C3'" "H3'"  sing N N 52  
DA  "O3'" "HO3'" sing N N 53  
DA  "C2'" "C1'"  sing N N 54  
DA  "C2'" "H2'"  sing N N 55  
DA  "C2'" "H2''" sing N N 56  
DA  "C1'" N9     sing N N 57  
DA  "C1'" "H1'"  sing N N 58  
DA  N9    C8     sing Y N 59  
DA  N9    C4     sing Y N 60  
DA  C8    N7     doub Y N 61  
DA  C8    H8     sing N N 62  
DA  N7    C5     sing Y N 63  
DA  C5    C6     sing Y N 64  
DA  C5    C4     doub Y N 65  
DA  C6    N6     sing N N 66  
DA  C6    N1     doub Y N 67  
DA  N6    H61    sing N N 68  
DA  N6    H62    sing N N 69  
DA  N1    C2     sing Y N 70  
DA  C2    N3     doub Y N 71  
DA  C2    H2     sing N N 72  
DA  N3    C4     sing Y N 73  
DC  OP3   P      sing N N 74  
DC  OP3   HOP3   sing N N 75  
DC  P     OP1    doub N N 76  
DC  P     OP2    sing N N 77  
DC  P     "O5'"  sing N N 78  
DC  OP2   HOP2   sing N N 79  
DC  "O5'" "C5'"  sing N N 80  
DC  "C5'" "C4'"  sing N N 81  
DC  "C5'" "H5'"  sing N N 82  
DC  "C5'" "H5''" sing N N 83  
DC  "C4'" "O4'"  sing N N 84  
DC  "C4'" "C3'"  sing N N 85  
DC  "C4'" "H4'"  sing N N 86  
DC  "O4'" "C1'"  sing N N 87  
DC  "C3'" "O3'"  sing N N 88  
DC  "C3'" "C2'"  sing N N 89  
DC  "C3'" "H3'"  sing N N 90  
DC  "O3'" "HO3'" sing N N 91  
DC  "C2'" "C1'"  sing N N 92  
DC  "C2'" "H2'"  sing N N 93  
DC  "C2'" "H2''" sing N N 94  
DC  "C1'" N1     sing N N 95  
DC  "C1'" "H1'"  sing N N 96  
DC  N1    C2     sing N N 97  
DC  N1    C6     sing N N 98  
DC  C2    O2     doub N N 99  
DC  C2    N3     sing N N 100 
DC  N3    C4     doub N N 101 
DC  C4    N4     sing N N 102 
DC  C4    C5     sing N N 103 
DC  N4    H41    sing N N 104 
DC  N4    H42    sing N N 105 
DC  C5    C6     doub N N 106 
DC  C5    H5     sing N N 107 
DC  C6    H6     sing N N 108 
DG  OP3   P      sing N N 109 
DG  OP3   HOP3   sing N N 110 
DG  P     OP1    doub N N 111 
DG  P     OP2    sing N N 112 
DG  P     "O5'"  sing N N 113 
DG  OP2   HOP2   sing N N 114 
DG  "O5'" "C5'"  sing N N 115 
DG  "C5'" "C4'"  sing N N 116 
DG  "C5'" "H5'"  sing N N 117 
DG  "C5'" "H5''" sing N N 118 
DG  "C4'" "O4'"  sing N N 119 
DG  "C4'" "C3'"  sing N N 120 
DG  "C4'" "H4'"  sing N N 121 
DG  "O4'" "C1'"  sing N N 122 
DG  "C3'" "O3'"  sing N N 123 
DG  "C3'" "C2'"  sing N N 124 
DG  "C3'" "H3'"  sing N N 125 
DG  "O3'" "HO3'" sing N N 126 
DG  "C2'" "C1'"  sing N N 127 
DG  "C2'" "H2'"  sing N N 128 
DG  "C2'" "H2''" sing N N 129 
DG  "C1'" N9     sing N N 130 
DG  "C1'" "H1'"  sing N N 131 
DG  N9    C8     sing Y N 132 
DG  N9    C4     sing Y N 133 
DG  C8    N7     doub Y N 134 
DG  C8    H8     sing N N 135 
DG  N7    C5     sing Y N 136 
DG  C5    C6     sing N N 137 
DG  C5    C4     doub Y N 138 
DG  C6    O6     doub N N 139 
DG  C6    N1     sing N N 140 
DG  N1    C2     sing N N 141 
DG  N1    H1     sing N N 142 
DG  C2    N2     sing N N 143 
DG  C2    N3     doub N N 144 
DG  N2    H21    sing N N 145 
DG  N2    H22    sing N N 146 
DG  N3    C4     sing N N 147 
DT  OP3   P      sing N N 148 
DT  OP3   HOP3   sing N N 149 
DT  P     OP1    doub N N 150 
DT  P     OP2    sing N N 151 
DT  P     "O5'"  sing N N 152 
DT  OP2   HOP2   sing N N 153 
DT  "O5'" "C5'"  sing N N 154 
DT  "C5'" "C4'"  sing N N 155 
DT  "C5'" "H5'"  sing N N 156 
DT  "C5'" "H5''" sing N N 157 
DT  "C4'" "O4'"  sing N N 158 
DT  "C4'" "C3'"  sing N N 159 
DT  "C4'" "H4'"  sing N N 160 
DT  "O4'" "C1'"  sing N N 161 
DT  "C3'" "O3'"  sing N N 162 
DT  "C3'" "C2'"  sing N N 163 
DT  "C3'" "H3'"  sing N N 164 
DT  "O3'" "HO3'" sing N N 165 
DT  "C2'" "C1'"  sing N N 166 
DT  "C2'" "H2'"  sing N N 167 
DT  "C2'" "H2''" sing N N 168 
DT  "C1'" N1     sing N N 169 
DT  "C1'" "H1'"  sing N N 170 
DT  N1    C2     sing N N 171 
DT  N1    C6     sing N N 172 
DT  C2    O2     doub N N 173 
DT  C2    N3     sing N N 174 
DT  N3    C4     sing N N 175 
DT  N3    H3     sing N N 176 
DT  C4    O4     doub N N 177 
DT  C4    C5     sing N N 178 
DT  C5    C7     sing N N 179 
DT  C5    C6     doub N N 180 
DT  C7    H71    sing N N 181 
DT  C7    H72    sing N N 182 
DT  C7    H73    sing N N 183 
DT  C6    H6     sing N N 184 
HOH O     H1     sing N N 185 
HOH O     H2     sing N N 186 
NCO CO    N1     sing N N 187 
NCO CO    N2     sing N N 188 
NCO CO    N3     sing N N 189 
NCO CO    N4     sing N N 190 
NCO CO    N5     sing N N 191 
NCO CO    N6     sing N N 192 
NCO N1    HN11   sing N N 193 
NCO N1    HN12   sing N N 194 
NCO N1    HN13   sing N N 195 
NCO N2    HN21   sing N N 196 
NCO N2    HN22   sing N N 197 
NCO N2    HN23   sing N N 198 
NCO N3    HN31   sing N N 199 
NCO N3    HN32   sing N N 200 
NCO N3    HN33   sing N N 201 
NCO N4    HN41   sing N N 202 
NCO N4    HN42   sing N N 203 
NCO N4    HN43   sing N N 204 
NCO N5    HN51   sing N N 205 
NCO N5    HN52   sing N N 206 
NCO N5    HN53   sing N N 207 
NCO N6    HN61   sing N N 208 
NCO N6    HN62   sing N N 209 
NCO N6    HN63   sing N N 210 
# 
loop_
_ndb_struct_conf_na.entry_id 
_ndb_struct_conf_na.feature 
1UE2 'b-form double helix'  
1UE2 'mismatched base pair' 
1UE2 'internal loop'        
# 
loop_
_ndb_struct_na_base_pair.model_number 
_ndb_struct_na_base_pair.i_label_asym_id 
_ndb_struct_na_base_pair.i_label_comp_id 
_ndb_struct_na_base_pair.i_label_seq_id 
_ndb_struct_na_base_pair.i_symmetry 
_ndb_struct_na_base_pair.j_label_asym_id 
_ndb_struct_na_base_pair.j_label_comp_id 
_ndb_struct_na_base_pair.j_label_seq_id 
_ndb_struct_na_base_pair.j_symmetry 
_ndb_struct_na_base_pair.shear 
_ndb_struct_na_base_pair.stretch 
_ndb_struct_na_base_pair.stagger 
_ndb_struct_na_base_pair.buckle 
_ndb_struct_na_base_pair.propeller 
_ndb_struct_na_base_pair.opening 
_ndb_struct_na_base_pair.pair_number 
_ndb_struct_na_base_pair.pair_name 
_ndb_struct_na_base_pair.i_auth_asym_id 
_ndb_struct_na_base_pair.i_auth_seq_id 
_ndb_struct_na_base_pair.i_PDB_ins_code 
_ndb_struct_na_base_pair.j_auth_asym_id 
_ndb_struct_na_base_pair.j_auth_seq_id 
_ndb_struct_na_base_pair.j_PDB_ins_code 
_ndb_struct_na_base_pair.hbond_type_28 
_ndb_struct_na_base_pair.hbond_type_12 
1 A DG  1 1_555 A DC 8 8_666 -0.440 -0.248 0.056  -1.807 5.713   -3.168 1 A_DG1:DC8_A  A 1 ? A 8 ? 19 1 
1 A C38 2 1_555 A DG 7 8_666 0.216  -0.178 -0.267 12.664 9.919   -0.186 2 A_C382:DG7_A A 2 ? A 7 ? 19 1 
1 A DG  3 1_555 A DA 6 8_666 6.540  -4.451 1.090  28.499 -12.075 8.685  3 A_DG3:DA6_A  A 3 ? A 6 ? 11 9 
1 A DG  1 1_555 A DC 8 1_555 -0.440 -0.248 0.056  -1.807 5.713   -3.168 4 A_DG1:DC8_A  A 1 ? A 8 ? 19 1 
1 A C38 2 1_555 A DG 7 1_555 0.216  -0.178 -0.267 12.664 9.919   -0.186 5 A_C382:DG7_A A 2 ? A 7 ? 19 1 
1 A DG  3 1_555 A DA 6 1_555 6.540  -4.451 1.090  28.499 -12.075 8.685  6 A_DG3:DA6_A  A 3 ? A 6 ? 11 9 
# 
loop_
_ndb_struct_na_base_pair_step.model_number 
_ndb_struct_na_base_pair_step.i_label_asym_id_1 
_ndb_struct_na_base_pair_step.i_label_comp_id_1 
_ndb_struct_na_base_pair_step.i_label_seq_id_1 
_ndb_struct_na_base_pair_step.i_symmetry_1 
_ndb_struct_na_base_pair_step.j_label_asym_id_1 
_ndb_struct_na_base_pair_step.j_label_comp_id_1 
_ndb_struct_na_base_pair_step.j_label_seq_id_1 
_ndb_struct_na_base_pair_step.j_symmetry_1 
_ndb_struct_na_base_pair_step.i_label_asym_id_2 
_ndb_struct_na_base_pair_step.i_label_comp_id_2 
_ndb_struct_na_base_pair_step.i_label_seq_id_2 
_ndb_struct_na_base_pair_step.i_symmetry_2 
_ndb_struct_na_base_pair_step.j_label_asym_id_2 
_ndb_struct_na_base_pair_step.j_label_comp_id_2 
_ndb_struct_na_base_pair_step.j_label_seq_id_2 
_ndb_struct_na_base_pair_step.j_symmetry_2 
_ndb_struct_na_base_pair_step.shift 
_ndb_struct_na_base_pair_step.slide 
_ndb_struct_na_base_pair_step.rise 
_ndb_struct_na_base_pair_step.tilt 
_ndb_struct_na_base_pair_step.roll 
_ndb_struct_na_base_pair_step.twist 
_ndb_struct_na_base_pair_step.x_displacement 
_ndb_struct_na_base_pair_step.y_displacement 
_ndb_struct_na_base_pair_step.helical_rise 
_ndb_struct_na_base_pair_step.inclination 
_ndb_struct_na_base_pair_step.tip 
_ndb_struct_na_base_pair_step.helical_twist 
_ndb_struct_na_base_pair_step.step_number 
_ndb_struct_na_base_pair_step.step_name 
_ndb_struct_na_base_pair_step.i_auth_asym_id_1 
_ndb_struct_na_base_pair_step.i_auth_seq_id_1 
_ndb_struct_na_base_pair_step.i_PDB_ins_code_1 
_ndb_struct_na_base_pair_step.j_auth_asym_id_1 
_ndb_struct_na_base_pair_step.j_auth_seq_id_1 
_ndb_struct_na_base_pair_step.j_PDB_ins_code_1 
_ndb_struct_na_base_pair_step.i_auth_asym_id_2 
_ndb_struct_na_base_pair_step.i_auth_seq_id_2 
_ndb_struct_na_base_pair_step.i_PDB_ins_code_2 
_ndb_struct_na_base_pair_step.j_auth_asym_id_2 
_ndb_struct_na_base_pair_step.j_auth_seq_id_2 
_ndb_struct_na_base_pair_step.j_PDB_ins_code_2 
1 A DG  1 1_555 A DC 8 8_666 A C38 2 1_555 A DG 7 8_666 0.266 -0.206 3.070 2.748 0.233 25.375 -0.530 0.136  3.079 0.528 -6.233 
25.522 1 AA_DG1C382:DG7DC8_AA A 1 ? A 8 ? A 2 ? A 7 ? 
1 A C38 2 1_555 A DG 7 8_666 A DG  3 1_555 A DA 6 8_666 0.670 1.646  3.120 0.284 5.318 54.274 1.482  -0.714 3.259 5.814 -0.311 
54.515 2 AA_C382DG3:DA6DG7_AA A 2 ? A 7 ? A 3 ? A 6 ? 
1 A DG  1 1_555 A DC 8 1_555 A C38 2 1_555 A DG 7 1_555 0.266 -0.206 3.070 2.748 0.233 25.375 -0.530 0.136  3.079 0.528 -6.233 
25.522 3 AA_DG1C382:DG7DC8_AA A 1 ? A 8 ? A 2 ? A 7 ? 
1 A C38 2 1_555 A DG 7 1_555 A DG  3 1_555 A DA 6 1_555 0.670 1.646  3.120 0.284 5.318 54.274 1.482  -0.714 3.259 5.814 -0.311 
54.515 4 AA_C382DG3:DA6DG7_AA A 2 ? A 7 ? A 3 ? A 6 ? 
# 
_atom_sites.entry_id                    1UE2 
_atom_sites.fract_transf_matrix[1][1]   0.00483337 
_atom_sites.fract_transf_matrix[1][2]   0.01731559 
_atom_sites.fract_transf_matrix[1][3]   -0.02578341 
_atom_sites.fract_transf_matrix[2][1]   0.02889205 
_atom_sites.fract_transf_matrix[2][2]   0.00237435 
_atom_sites.fract_transf_matrix[2][3]   -0.01214836 
_atom_sites.fract_transf_matrix[3][1]   -0.00269179 
_atom_sites.fract_transf_matrix[3][2]   -0.01238562 
_atom_sites.fract_transf_matrix[3][3]   -0.00882252 
_atom_sites.fract_transf_vector[1]      0.514631 
_atom_sites.fract_transf_vector[2]      0.525449 
_atom_sites.fract_transf_vector[3]      0.765055 
# 
loop_
_atom_type.symbol 
C  
CL 
CO 
I  
MG 
N  
O  
P  
# 
loop_
_atom_site.group_PDB 
_atom_site.id 
_atom_site.type_symbol 
_atom_site.label_atom_id 
_atom_site.label_alt_id 
_atom_site.label_comp_id 
_atom_site.label_asym_id 
_atom_site.label_entity_id 
_atom_site.label_seq_id 
_atom_site.pdbx_PDB_ins_code 
_atom_site.Cartn_x 
_atom_site.Cartn_y 
_atom_site.Cartn_z 
_atom_site.occupancy 
_atom_site.B_iso_or_equiv 
_atom_site.pdbx_formal_charge 
_atom_site.auth_seq_id 
_atom_site.auth_comp_id 
_atom_site.auth_asym_id 
_atom_site.auth_atom_id 
_atom_site.pdbx_PDB_model_num 
ATOM   1   O  "O5'" . DG  A 1 1 ? 7.014   10.654  15.447  1.00 31.92 ? 1   DG  A "O5'" 1 
ATOM   2   C  "C5'" . DG  A 1 1 ? 6.847   10.445  16.846  1.00 24.99 ? 1   DG  A "C5'" 1 
ATOM   3   C  "C4'" . DG  A 1 1 ? 5.988   9.237   17.142  1.00 22.57 ? 1   DG  A "C4'" 1 
ATOM   4   O  "O4'" . DG  A 1 1 ? 4.665   9.419   16.591  1.00 21.15 ? 1   DG  A "O4'" 1 
ATOM   5   C  "C3'" . DG  A 1 1 ? 6.496   7.924   16.548  1.00 20.60 ? 1   DG  A "C3'" 1 
ATOM   6   O  "O3'" . DG  A 1 1 ? 6.150   6.883   17.451  1.00 21.72 ? 1   DG  A "O3'" 1 
ATOM   7   C  "C2'" . DG  A 1 1 ? 5.749   7.811   15.225  1.00 19.38 ? 1   DG  A "C2'" 1 
ATOM   8   C  "C1'" . DG  A 1 1 ? 4.436   8.540   15.500  1.00 19.98 ? 1   DG  A "C1'" 1 
ATOM   9   N  N9    . DG  A 1 1 ? 3.955   9.338   14.376  1.00 20.03 ? 1   DG  A N9    1 
ATOM   10  C  C8    . DG  A 1 1 ? 4.709   10.018  13.462  1.00 18.57 ? 1   DG  A C8    1 
ATOM   11  N  N7    . DG  A 1 1 ? 4.000   10.616  12.550  1.00 20.55 ? 1   DG  A N7    1 
ATOM   12  C  C5    . DG  A 1 1 ? 2.688   10.314  12.885  1.00 18.62 ? 1   DG  A C5    1 
ATOM   13  C  C6    . DG  A 1 1 ? 1.481   10.669  12.249  1.00 19.76 ? 1   DG  A C6    1 
ATOM   14  O  O6    . DG  A 1 1 ? 1.323   11.325  11.209  1.00 19.85 ? 1   DG  A O6    1 
ATOM   15  N  N1    . DG  A 1 1 ? 0.378   10.175  12.933  1.00 16.72 ? 1   DG  A N1    1 
ATOM   16  C  C2    . DG  A 1 1 ? 0.433   9.421   14.089  1.00 18.13 ? 1   DG  A C2    1 
ATOM   17  N  N2    . DG  A 1 1 ? -0.742  9.056   14.636  1.00 23.01 ? 1   DG  A N2    1 
ATOM   18  N  N3    . DG  A 1 1 ? 1.566   9.059   14.679  1.00 19.51 ? 1   DG  A N3    1 
ATOM   19  C  C4    . DG  A 1 1 ? 2.642   9.540   14.026  1.00 18.91 ? 1   DG  A C4    1 
HETATM 20  P  P     . C38 A 1 2 ? 6.544   5.357   17.127  1.00 23.38 ? 2   C38 A P     1 
HETATM 21  O  O1P   . C38 A 1 2 ? 7.594   5.272   16.066  1.00 21.79 ? 2   C38 A O1P   1 
HETATM 22  O  O2P   . C38 A 1 2 ? 6.776   4.711   18.433  1.00 23.75 ? 2   C38 A O2P   1 
HETATM 23  O  "O5'" . C38 A 1 2 ? 5.204   4.758   16.522  1.00 20.42 ? 2   C38 A "O5'" 1 
HETATM 24  C  "C5'" . C38 A 1 2 ? 3.998   4.821   17.277  1.00 21.10 ? 2   C38 A "C5'" 1 
HETATM 25  C  "C4'" . C38 A 1 2 ? 2.833   4.437   16.402  1.00 21.25 ? 2   C38 A "C4'" 1 
HETATM 26  O  "O4'" . C38 A 1 2 ? 2.634   5.449   15.389  1.00 19.29 ? 2   C38 A "O4'" 1 
HETATM 27  C  "C3'" . C38 A 1 2 ? 3.078   3.128   15.645  1.00 21.42 ? 2   C38 A "C3'" 1 
HETATM 28  O  "O3'" . C38 A 1 2 ? 2.017   2.227   15.962  1.00 23.51 ? 2   C38 A "O3'" 1 
HETATM 29  C  "C2'" . C38 A 1 2 ? 3.086   3.542   14.177  1.00 19.62 ? 2   C38 A "C2'" 1 
HETATM 30  C  "C1'" . C38 A 1 2 ? 2.251   4.805   14.208  1.00 17.38 ? 2   C38 A "C1'" 1 
HETATM 31  N  N1    . C38 A 1 2 ? 2.463   5.749   13.105  1.00 16.61 ? 2   C38 A N1    1 
HETATM 32  C  C2    . C38 A 1 2 ? 1.336   6.352   12.530  1.00 16.90 ? 2   C38 A C2    1 
HETATM 33  O  O2    . C38 A 1 2 ? 0.209   6.069   12.996  1.00 19.34 ? 2   C38 A O2    1 
HETATM 34  N  N3    . C38 A 1 2 ? 1.488   7.217   11.504  1.00 16.70 ? 2   C38 A N3    1 
HETATM 35  C  C4    . C38 A 1 2 ? 2.710   7.518   11.054  1.00 14.23 ? 2   C38 A C4    1 
HETATM 36  N  N4    . C38 A 1 2 ? 2.801   8.355   10.032  1.00 16.16 ? 2   C38 A N4    1 
HETATM 37  C  C5    . C38 A 1 2 ? 3.894   6.944   11.642  1.00 12.94 ? 2   C38 A C5    1 
HETATM 38  C  C6    . C38 A 1 2 ? 3.721   6.058   12.646  1.00 13.55 ? 2   C38 A C6    1 
HETATM 39  I  I     . C38 A 1 2 ? 5.820   7.546   11.073  1.00 17.30 ? 2   C38 A I     1 
ATOM   40  P  P     . DG  A 1 3 ? 2.078   0.704   15.446  1.00 26.57 ? 3   DG  A P     1 
ATOM   41  O  OP1   . DG  A 1 3 ? 1.242   -0.091  16.375  1.00 28.22 ? 3   DG  A OP1   1 
ATOM   42  O  OP2   . DG  A 1 3 ? 3.488   0.310   15.198  1.00 27.30 ? 3   DG  A OP2   1 
ATOM   43  O  "O5'" . DG  A 1 3 ? 1.330   0.739   14.052  1.00 22.34 ? 3   DG  A "O5'" 1 
ATOM   44  C  "C5'" . DG  A 1 3 ? 0.060   1.363   13.936  1.00 23.00 ? 3   DG  A "C5'" 1 
ATOM   45  C  "C4'" . DG  A 1 3 ? -0.221  1.656   12.484  1.00 21.36 ? 3   DG  A "C4'" 1 
ATOM   46  O  "O4'" . DG  A 1 3 ? 0.770   2.578   11.966  1.00 19.47 ? 3   DG  A "O4'" 1 
ATOM   47  C  "C3'" . DG  A 1 3 ? -0.143  0.424   11.582  1.00 22.19 ? 3   DG  A "C3'" 1 
ATOM   48  O  "O3'" . DG  A 1 3 ? -1.055  0.623   10.511  1.00 24.49 ? 3   DG  A "O3'" 1 
ATOM   49  C  "C2'" . DG  A 1 3 ? 1.262   0.519   11.025  1.00 18.94 ? 3   DG  A "C2'" 1 
ATOM   50  C  "C1'" . DG  A 1 3 ? 1.300   2.012   10.784  1.00 18.68 ? 3   DG  A "C1'" 1 
ATOM   51  N  N9    . DG  A 1 3 ? 2.637   2.538   10.552  1.00 16.63 ? 3   DG  A N9    1 
ATOM   52  C  C8    . DG  A 1 3 ? 3.834   2.030   11.006  1.00 17.30 ? 3   DG  A C8    1 
ATOM   53  N  N7    . DG  A 1 3 ? 4.869   2.630   10.491  1.00 16.51 ? 3   DG  A N7    1 
ATOM   54  C  C5    . DG  A 1 3 ? 4.322   3.626   9.686   1.00 14.83 ? 3   DG  A C5    1 
ATOM   55  C  C6    . DG  A 1 3 ? 4.945   4.577   8.823   1.00 16.63 ? 3   DG  A C6    1 
ATOM   56  O  O6    . DG  A 1 3 ? 6.149   4.735   8.590   1.00 16.73 ? 3   DG  A O6    1 
ATOM   57  N  N1    . DG  A 1 3 ? 4.005   5.381   8.175   1.00 16.26 ? 3   DG  A N1    1 
ATOM   58  C  C2    . DG  A 1 3 ? 2.640   5.267   8.326   1.00 17.09 ? 3   DG  A C2    1 
ATOM   59  N  N2    . DG  A 1 3 ? 1.881   6.125   7.610   1.00 18.43 ? 3   DG  A N2    1 
ATOM   60  N  N3    . DG  A 1 3 ? 2.053   4.382   9.110   1.00 16.20 ? 3   DG  A N3    1 
ATOM   61  C  C4    . DG  A 1 3 ? 2.943   3.596   9.749   1.00 15.64 ? 3   DG  A C4    1 
ATOM   62  P  P     . DA  A 1 4 ? -1.734  -0.630  9.784   1.00 27.49 ? 4   DA  A P     1 
ATOM   63  O  OP1   . DA  A 1 4 ? -2.991  -0.916  10.528  1.00 29.71 ? 4   DA  A OP1   1 
ATOM   64  O  OP2   . DA  A 1 4 ? -0.737  -1.708  9.585   1.00 28.50 ? 4   DA  A OP2   1 
ATOM   65  O  "O5'" . DA  A 1 4 ? -2.098  -0.022  8.368   1.00 25.64 ? 4   DA  A "O5'" 1 
ATOM   66  C  "C5'" . DA  A 1 4 ? -2.886  1.167   8.272   1.00 25.15 ? 4   DA  A "C5'" 1 
ATOM   67  C  "C4'" . DA  A 1 4 ? -2.348  2.061   7.180   1.00 24.81 ? 4   DA  A "C4'" 1 
ATOM   68  O  "O4'" . DA  A 1 4 ? -1.063  2.594   7.569   1.00 22.61 ? 4   DA  A "O4'" 1 
ATOM   69  C  "C3'" . DA  A 1 4 ? -2.090  1.333   5.871   1.00 25.95 ? 4   DA  A "C3'" 1 
ATOM   70  O  "O3'" A DA  A 1 4 ? -3.296  1.411   5.108   0.50 27.34 ? 4   DA  A "O3'" 1 
ATOM   71  O  "O3'" B DA  A 1 4 ? -3.244  1.301   5.023   0.50 27.45 ? 4   DA  A "O3'" 1 
ATOM   72  C  "C2'" . DA  A 1 4 ? -0.995  2.161   5.233   1.00 24.67 ? 4   DA  A "C2'" 1 
ATOM   73  C  "C1'" . DA  A 1 4 ? -0.248  2.771   6.420   1.00 22.26 ? 4   DA  A "C1'" 1 
ATOM   74  N  N9    . DA  A 1 4 ? 1.062   2.171   6.701   1.00 21.82 ? 4   DA  A N9    1 
ATOM   75  C  C8    . DA  A 1 4 ? 1.319   1.089   7.499   1.00 21.68 ? 4   DA  A C8    1 
ATOM   76  N  N7    . DA  A 1 4 ? 2.593   0.799   7.602   1.00 22.23 ? 4   DA  A N7    1 
ATOM   77  C  C5    . DA  A 1 4 ? 3.217   1.746   6.807   1.00 22.07 ? 4   DA  A C5    1 
ATOM   78  C  C6    . DA  A 1 4 ? 4.580   1.980   6.490   1.00 21.35 ? 4   DA  A C6    1 
ATOM   79  N  N6    . DA  A 1 4 ? 5.590   1.243   6.957   1.00 24.84 ? 4   DA  A N6    1 
ATOM   80  N  N1    . DA  A 1 4 ? 4.860   3.008   5.663   1.00 22.51 ? 4   DA  A N1    1 
ATOM   81  C  C2    . DA  A 1 4 ? 3.847   3.745   5.193   1.00 23.83 ? 4   DA  A C2    1 
ATOM   82  N  N3    . DA  A 1 4 ? 2.534   3.622   5.416   1.00 21.50 ? 4   DA  A N3    1 
ATOM   83  C  C4    . DA  A 1 4 ? 2.286   2.595   6.238   1.00 21.08 ? 4   DA  A C4    1 
ATOM   84  P  P     A DA  A 1 5 ? -4.034  0.066   4.652   0.50 28.62 ? 5   DA  A P     1 
ATOM   85  P  P     B DA  A 1 5 ? -3.610  -0.048  4.215   0.50 28.07 ? 5   DA  A P     1 
ATOM   86  O  OP1   A DA  A 1 5 ? -5.231  0.461   3.865   0.50 29.00 ? 5   DA  A OP1   1 
ATOM   87  O  OP1   B DA  A 1 5 ? -4.766  0.253   3.333   0.50 29.88 ? 5   DA  A OP1   1 
ATOM   88  O  OP2   A DA  A 1 5 ? -4.195  -0.792  5.853   0.50 28.53 ? 5   DA  A OP2   1 
ATOM   89  O  OP2   B DA  A 1 5 ? -3.714  -1.138  5.221   0.50 29.21 ? 5   DA  A OP2   1 
ATOM   90  O  "O5'" A DA  A 1 5 ? -2.956  -0.603  3.694   0.50 27.52 ? 5   DA  A "O5'" 1 
ATOM   91  O  "O5'" B DA  A 1 5 ? -2.360  -0.345  3.274   0.50 28.73 ? 5   DA  A "O5'" 1 
ATOM   92  C  "C5'" A DA  A 1 5 ? -3.331  -1.279  2.498   0.50 28.00 ? 5   DA  A "C5'" 1 
ATOM   93  C  "C5'" B DA  A 1 5 ? -2.041  0.535   2.206   0.50 27.38 ? 5   DA  A "C5'" 1 
ATOM   94  C  "C4'" A DA  A 1 5 ? -2.210  -1.193  1.489   0.50 27.67 ? 5   DA  A "C4'" 1 
ATOM   95  C  "C4'" B DA  A 1 5 ? -1.521  -0.230  1.009   0.50 27.07 ? 5   DA  A "C4'" 1 
ATOM   96  O  "O4'" A DA  A 1 5 ? -0.949  -1.488  2.131   0.50 27.25 ? 5   DA  A "O4'" 1 
ATOM   97  O  "O4'" B DA  A 1 5 ? -0.268  -0.887  1.317   0.50 25.49 ? 5   DA  A "O4'" 1 
ATOM   98  C  "C3'" A DA  A 1 5 ? -2.332  -2.169  0.317   0.50 27.83 ? 5   DA  A "C3'" 1 
ATOM   99  C  "C3'" B DA  A 1 5 ? -2.425  -1.313  0.419   0.50 26.92 ? 5   DA  A "C3'" 1 
ATOM   100 O  "O3'" A DA  A 1 5 ? -2.251  -1.475  -0.935  0.50 28.20 ? 5   DA  A "O3'" 1 
ATOM   101 O  "O3'" B DA  A 1 5 ? -2.209  -1.379  -0.995  0.50 27.56 ? 5   DA  A "O3'" 1 
ATOM   102 C  "C2'" A DA  A 1 5 ? -1.158  -3.119  0.497   0.50 27.52 ? 5   DA  A "C2'" 1 
ATOM   103 C  "C2'" B DA  A 1 5 ? -1.869  -2.577  1.039   0.50 25.73 ? 5   DA  A "C2'" 1 
ATOM   104 C  "C1'" A DA  A 1 5 ? -0.161  -2.261  1.246   0.50 27.46 ? 5   DA  A "C1'" 1 
ATOM   105 C  "C1'" B DA  A 1 5 ? -0.383  -2.274  1.026   0.50 26.11 ? 5   DA  A "C1'" 1 
ATOM   106 N  N9    A DA  A 1 5 ? 0.813   -3.004  2.045   0.50 25.86 ? 5   DA  A N9    1 
ATOM   107 N  N9    B DA  A 1 5 ? 0.383   -3.005  2.030   0.50 24.92 ? 5   DA  A N9    1 
ATOM   108 C  C8    A DA  A 1 5 ? 0.560   -3.869  3.081   0.50 25.58 ? 5   DA  A C8    1 
ATOM   109 C  C8    B DA  A 1 5 ? -0.098  -3.753  3.075   0.50 24.41 ? 5   DA  A C8    1 
ATOM   110 N  N7    A DA  A 1 5 ? 1.641   -4.372  3.625   0.50 25.99 ? 5   DA  A N7    1 
ATOM   111 N  N7    B DA  A 1 5 ? 0.836   -4.298  3.808   0.50 24.38 ? 5   DA  A N7    1 
ATOM   112 C  C5    A DA  A 1 5 ? 2.675   -3.806  2.894   0.50 25.32 ? 5   DA  A C5    1 
ATOM   113 C  C5    B DA  A 1 5 ? 2.014   -3.884  3.205   0.50 23.60 ? 5   DA  A C5    1 
ATOM   114 C  C6    A DA  A 1 5 ? 4.072   -3.934  2.981   0.50 25.53 ? 5   DA  A C6    1 
ATOM   115 C  C6    B DA  A 1 5 ? 3.362   -4.130  3.505   0.50 23.45 ? 5   DA  A C6    1 
ATOM   116 N  N6    A DA  A 1 5 ? 4.688   -4.697  3.884   0.50 26.01 ? 5   DA  A N6    1 
ATOM   117 N  N6    B DA  A 1 5 ? 3.766   -4.875  4.539   0.50 24.20 ? 5   DA  A N6    1 
ATOM   118 N  N1    A DA  A 1 5 ? 4.823   -3.237  2.101   0.50 25.02 ? 5   DA  A N1    1 
ATOM   119 N  N1    B DA  A 1 5 ? 4.296   -3.576  2.698   0.50 23.65 ? 5   DA  A N1    1 
ATOM   120 C  C2    A DA  A 1 5 ? 4.200   -2.464  1.203   0.50 24.85 ? 5   DA  A C2    1 
ATOM   121 C  C2    B DA  A 1 5 ? 3.885   -2.817  1.670   0.50 23.47 ? 5   DA  A C2    1 
ATOM   122 N  N3    A DA  A 1 5 ? 2.894   -2.260  1.026   0.50 24.53 ? 5   DA  A N3    1 
ATOM   123 N  N3    B DA  A 1 5 ? 2.647   -2.509  1.293   0.50 22.43 ? 5   DA  A N3    1 
ATOM   124 C  C4    A DA  A 1 5 ? 2.179   -2.966  1.914   0.50 25.34 ? 5   DA  A C4    1 
ATOM   125 C  C4    B DA  A 1 5 ? 1.748   -3.085  2.109   0.50 23.28 ? 5   DA  A C4    1 
ATOM   126 P  P     . DA  A 1 6 ? -3.448  -1.635  -1.993  1.00 28.49 ? 6   DA  A P     1 
ATOM   127 O  OP1   . DA  A 1 6 ? -4.498  -0.640  -1.652  1.00 28.39 ? 6   DA  A OP1   1 
ATOM   128 O  OP2   . DA  A 1 6 ? -3.772  -3.080  -1.983  1.00 29.51 ? 6   DA  A OP2   1 
ATOM   129 O  "O5'" . DA  A 1 6 ? -2.821  -1.283  -3.409  1.00 27.02 ? 6   DA  A "O5'" 1 
ATOM   130 C  "C5'" . DA  A 1 6 ? -2.425  0.051   -3.726  1.00 25.61 ? 6   DA  A "C5'" 1 
ATOM   131 C  "C4'" . DA  A 1 6 ? -2.313  0.225   -5.223  1.00 25.01 ? 6   DA  A "C4'" 1 
ATOM   132 O  "O4'" . DA  A 1 6 ? -1.178  -0.496  -5.754  1.00 22.16 ? 6   DA  A "O4'" 1 
ATOM   133 C  "C3'" . DA  A 1 6 ? -3.512  -0.235  -6.052  1.00 25.14 ? 6   DA  A "C3'" 1 
ATOM   134 O  "O3'" . DA  A 1 6 ? -3.619  0.650   -7.171  1.00 26.96 ? 6   DA  A "O3'" 1 
ATOM   135 C  "C2'" . DA  A 1 6 ? -3.087  -1.624  -6.498  1.00 23.13 ? 6   DA  A "C2'" 1 
ATOM   136 C  "C1'" . DA  A 1 6 ? -1.603  -1.410  -6.757  1.00 21.67 ? 6   DA  A "C1'" 1 
ATOM   137 N  N9    . DA  A 1 6 ? -0.755  -2.588  -6.617  1.00 19.72 ? 6   DA  A N9    1 
ATOM   138 C  C8    . DA  A 1 6 ? -0.879  -3.628  -5.728  1.00 20.50 ? 6   DA  A C8    1 
ATOM   139 N  N7    . DA  A 1 6 ? 0.127   -4.463  -5.755  1.00 17.42 ? 6   DA  A N7    1 
ATOM   140 C  C5    . DA  A 1 6 ? 0.954   -3.959  -6.738  1.00 18.38 ? 6   DA  A C5    1 
ATOM   141 C  C6    . DA  A 1 6 ? 2.198   -4.366  -7.225  1.00 18.95 ? 6   DA  A C6    1 
ATOM   142 N  N6    . DA  A 1 6 ? 2.878   -5.425  -6.756  1.00 18.74 ? 6   DA  A N6    1 
ATOM   143 N  N1    . DA  A 1 6 ? 2.748   -3.638  -8.220  1.00 21.20 ? 6   DA  A N1    1 
ATOM   144 C  C2    . DA  A 1 6 ? 2.085   -2.566  -8.680  1.00 20.28 ? 6   DA  A C2    1 
ATOM   145 N  N3    . DA  A 1 6 ? 0.924   -2.073  -8.294  1.00 21.81 ? 6   DA  A N3    1 
ATOM   146 C  C4    . DA  A 1 6 ? 0.399   -2.820  -7.307  1.00 20.45 ? 6   DA  A C4    1 
ATOM   147 P  P     . DG  A 1 7 ? -4.815  0.479   -8.235  1.00 26.59 ? 7   DG  A P     1 
ATOM   148 O  OP1   . DG  A 1 7 ? -5.055  1.849   -8.789  1.00 28.29 ? 7   DG  A OP1   1 
ATOM   149 O  OP2   . DG  A 1 7 ? -5.930  -0.266  -7.608  1.00 23.75 ? 7   DG  A OP2   1 
ATOM   150 O  "O5'" . DG  A 1 7 ? -4.156  -0.401  -9.374  1.00 24.28 ? 7   DG  A "O5'" 1 
ATOM   151 C  "C5'" . DG  A 1 7 ? -2.955  0.016   -10.005 1.00 25.10 ? 7   DG  A "C5'" 1 
ATOM   152 C  "C4'" . DG  A 1 7 ? -2.453  -1.082  -10.904 1.00 25.82 ? 7   DG  A "C4'" 1 
ATOM   153 O  "O4'" . DG  A 1 7 ? -1.957  -2.163  -10.083 1.00 24.71 ? 7   DG  A "O4'" 1 
ATOM   154 C  "C3'" . DG  A 1 7 ? -3.555  -1.681  -11.779 1.00 26.34 ? 7   DG  A "C3'" 1 
ATOM   155 O  "O3'" . DG  A 1 7 ? -3.080  -1.789  -13.111 1.00 29.49 ? 7   DG  A "O3'" 1 
ATOM   156 C  "C2'" . DG  A 1 7 ? -3.790  -3.064  -11.194 1.00 23.94 ? 7   DG  A "C2'" 1 
ATOM   157 C  "C1'" . DG  A 1 7 ? -2.428  -3.386  -10.616 1.00 22.63 ? 7   DG  A "C1'" 1 
ATOM   158 N  N9    . DG  A 1 7 ? -2.440  -4.362  -9.539  1.00 20.98 ? 7   DG  A N9    1 
ATOM   159 C  C8    . DG  A 1 7 ? -3.458  -4.611  -8.651  1.00 18.16 ? 7   DG  A C8    1 
ATOM   160 N  N7    . DG  A 1 7 ? -3.168  -5.558  -7.797  1.00 20.47 ? 7   DG  A N7    1 
ATOM   161 C  C5    . DG  A 1 7 ? -1.886  -5.950  -8.141  1.00 18.45 ? 7   DG  A C5    1 
ATOM   162 C  C6    . DG  A 1 7 ? -1.050  -6.935  -7.571  1.00 16.55 ? 7   DG  A C6    1 
ATOM   163 O  O6    . DG  A 1 7 ? -1.295  -7.678  -6.609  1.00 17.49 ? 7   DG  A O6    1 
ATOM   164 N  N1    . DG  A 1 7 ? 0.174   -7.011  -8.232  1.00 17.11 ? 7   DG  A N1    1 
ATOM   165 C  C2    . DG  A 1 7 ? 0.562   -6.217  -9.296  1.00 15.64 ? 7   DG  A C2    1 
ATOM   166 N  N2    . DG  A 1 7 ? 1.812   -6.407  -9.784  1.00 17.52 ? 7   DG  A N2    1 
ATOM   167 N  N3    . DG  A 1 7 ? -0.222  -5.290  -9.834  1.00 17.39 ? 7   DG  A N3    1 
ATOM   168 C  C4    . DG  A 1 7 ? -1.418  -5.218  -9.213  1.00 18.47 ? 7   DG  A C4    1 
ATOM   169 P  P     . DC  A 1 8 ? -4.128  -2.020  -14.303 1.00 33.13 ? 8   DC  A P     1 
ATOM   170 O  OP1   . DC  A 1 8 ? -3.515  -1.478  -15.539 1.00 34.22 ? 8   DC  A OP1   1 
ATOM   171 O  OP2   . DC  A 1 8 ? -5.448  -1.517  -13.855 1.00 31.81 ? 8   DC  A OP2   1 
ATOM   172 O  "O5'" . DC  A 1 8 ? -4.229  -3.596  -14.425 1.00 31.63 ? 8   DC  A "O5'" 1 
ATOM   173 C  "C5'" . DC  A 1 8 ? -3.511  -4.296  -15.432 1.00 31.37 ? 8   DC  A "C5'" 1 
ATOM   174 C  "C4'" . DC  A 1 8 ? -2.029  -4.257  -15.143 1.00 31.64 ? 8   DC  A "C4'" 1 
ATOM   175 O  "O4'" . DC  A 1 8 ? -1.767  -4.658  -13.772 1.00 27.91 ? 8   DC  A "O4'" 1 
ATOM   176 C  "C3'" . DC  A 1 8 ? -1.222  -5.211  -16.018 1.00 32.93 ? 8   DC  A "C3'" 1 
ATOM   177 O  "O3'" . DC  A 1 8 ? 0.089   -4.673  -16.220 1.00 37.73 ? 8   DC  A "O3'" 1 
ATOM   178 C  "C2'" . DC  A 1 8 ? -1.156  -6.462  -15.157 1.00 30.63 ? 8   DC  A "C2'" 1 
ATOM   179 C  "C1'" . DC  A 1 8 ? -1.045  -5.881  -13.755 1.00 26.77 ? 8   DC  A "C1'" 1 
ATOM   180 N  N1    . DC  A 1 8 ? -1.611  -6.711  -12.679 1.00 23.40 ? 8   DC  A N1    1 
ATOM   181 C  C2    . DC  A 1 8 ? -0.796  -7.665  -12.062 1.00 21.17 ? 8   DC  A C2    1 
ATOM   182 O  O2    . DC  A 1 8 ? 0.356   -7.817  -12.472 1.00 21.34 ? 8   DC  A O2    1 
ATOM   183 N  N3    . DC  A 1 8 ? -1.296  -8.392  -11.041 1.00 19.68 ? 8   DC  A N3    1 
ATOM   184 C  C4    . DC  A 1 8 ? -2.540  -8.201  -10.630 1.00 20.00 ? 8   DC  A C4    1 
ATOM   185 N  N4    . DC  A 1 8 ? -2.971  -8.922  -9.596  1.00 20.00 ? 8   DC  A N4    1 
ATOM   186 C  C5    . DC  A 1 8 ? -3.403  -7.259  -11.255 1.00 22.34 ? 8   DC  A C5    1 
ATOM   187 C  C6    . DC  A 1 8 ? -2.900  -6.544  -12.269 1.00 20.58 ? 8   DC  A C6    1 
ATOM   188 P  P     . DT  A 1 9 ? 0.590   -4.319  -17.708 1.00 42.35 ? 9   DT  A P     1 
ATOM   189 O  OP1   . DT  A 1 9 ? 0.009   -5.315  -18.655 1.00 41.30 ? 9   DT  A OP1   1 
ATOM   190 O  OP2   . DT  A 1 9 ? 2.065   -4.139  -17.644 1.00 42.42 ? 9   DT  A OP2   1 
HETATM 191 CL CL    . CL  B 2 . ? 8.384   -0.612  8.192   0.33 31.72 ? 10  CL  A CL    1 
HETATM 192 MG MG    . MG  C 3 . ? -7.241  1.287   -17.090 1.00 25.87 ? 767 MG  A MG    1 
HETATM 193 CO CO    . NCO D 4 . ? 9.139   2.867   10.670  0.33 12.54 ? 766 NCO A CO    1 
HETATM 194 N  N1    . NCO D 4 . ? 8.557   3.096   8.812   1.00 15.55 ? 766 NCO A N1    1 
HETATM 195 N  N2    . NCO D 4 . ? 10.503  4.250   10.413  1.00 15.19 ? 766 NCO A N2    1 
HETATM 196 O  O     . HOH E 5 . ? -5.881  1.898   -15.653 1.00 32.62 ? 768 HOH A O     1 
HETATM 197 O  O     . HOH E 5 . ? -6.337  -0.560  -17.171 1.00 33.39 ? 769 HOH A O     1 
HETATM 198 O  O     . HOH E 5 . ? -5.989  1.968   -18.573 1.00 33.69 ? 770 HOH A O     1 
HETATM 199 O  O     . HOH E 5 . ? -8.603  0.677   -18.511 1.00 32.52 ? 771 HOH A O     1 
HETATM 200 O  O     . HOH E 5 . ? -8.168  3.138   -17.025 1.00 32.36 ? 772 HOH A O     1 
HETATM 201 O  O     . HOH E 5 . ? -8.501  0.612   -15.608 1.00 32.12 ? 773 HOH A O     1 
HETATM 202 O  O     . HOH E 5 . ? -3.712  -12.502 -7.948  0.50 34.09 ? 774 HOH A O     1 
HETATM 203 O  O     . HOH E 5 . ? -11.497 -7.305  -12.959 0.33 23.12 ? 775 HOH A O     1 
HETATM 204 O  O     . HOH E 5 . ? -3.438  6.150   -5.878  0.50 36.87 ? 776 HOH A O     1 
HETATM 205 O  O     . HOH E 5 . ? 7.568   -4.363  5.520   0.17 25.02 ? 777 HOH A O     1 
HETATM 206 O  O     . HOH E 5 . ? 6.942   -4.946  2.936   0.33 34.09 ? 778 HOH A O     1 
HETATM 207 O  O     . HOH E 5 . ? 6.560   3.903   13.642  1.00 17.64 ? 779 HOH A O     1 
HETATM 208 O  O     . HOH E 5 . ? -4.031  9.631   -21.022 1.00 38.75 ? 780 HOH A O     1 
HETATM 209 O  O     . HOH E 5 . ? 4.620   7.406   6.452   1.00 27.00 ? 781 HOH A O     1 
HETATM 210 O  O     . HOH E 5 . ? 7.317   1.584   18.688  1.00 32.09 ? 782 HOH A O     1 
HETATM 211 O  O     . HOH E 5 . ? -1.821  -5.023  -2.501  1.00 37.14 ? 783 HOH A O     1 
HETATM 212 O  O     . HOH E 5 . ? 0.644   0.480   -9.354  1.00 32.82 ? 784 HOH A O     1 
HETATM 213 O  O     . HOH E 5 . ? -9.422  -3.809  -14.871 1.00 35.42 ? 785 HOH A O     1 
HETATM 214 O  O     . HOH E 5 . ? -5.573  -8.462  -8.670  1.00 29.21 ? 786 HOH A O     1 
HETATM 215 O  O     . HOH E 5 . ? 0.986   -3.317  -11.769 1.00 30.32 ? 787 HOH A O     1 
HETATM 216 O  O     . HOH E 5 . ? -6.639  -5.859  -9.587  1.00 39.05 ? 788 HOH A O     1 
HETATM 217 O  O     . HOH E 5 . ? -0.639  -13.867 -19.295 1.00 30.39 ? 789 HOH A O     1 
HETATM 218 O  O     . HOH E 5 . ? 6.603   -5.419  0.089   1.00 36.67 ? 790 HOH A O     1 
HETATM 219 O  O     . HOH E 5 . ? -3.869  2.969   -12.252 1.00 41.27 ? 791 HOH A O     1 
HETATM 220 O  O     . HOH E 5 . ? -3.285  -5.399  -18.695 1.00 44.08 ? 792 HOH A O     1 
HETATM 221 O  O     . HOH E 5 . ? -6.576  -11.240 -9.291  1.00 30.84 ? 793 HOH A O     1 
HETATM 222 O  O     . HOH E 5 . ? -11.242 -5.888  -15.363 1.00 30.10 ? 794 HOH A O     1 
HETATM 223 O  O     . HOH E 5 . ? -2.135  -9.080  -17.285 1.00 35.07 ? 795 HOH A O     1 
HETATM 224 O  O     . HOH E 5 . ? 4.974   6.235   20.464  1.00 31.69 ? 796 HOH A O     1 
HETATM 225 O  O     . HOH E 5 . ? 2.819   -0.366  -0.350  1.00 29.22 ? 797 HOH A O     1 
HETATM 226 O  O     . HOH E 5 . ? -7.352  -2.674  -11.727 1.00 36.05 ? 798 HOH A O     1 
HETATM 227 O  O     . HOH E 5 . ? -0.668  -2.131  15.007  1.00 36.29 ? 799 HOH A O     1 
HETATM 228 O  O     . HOH E 5 . ? -3.290  7.626   -15.888 1.00 38.91 ? 800 HOH A O     1 
HETATM 229 O  O     . HOH E 5 . ? 4.967   -0.653  -9.372  1.00 40.39 ? 801 HOH A O     1 
HETATM 230 O  O     . HOH E 5 . ? -11.024 -9.240  -15.371 1.00 44.89 ? 802 HOH A O     1 
HETATM 231 O  O     . HOH E 5 . ? -4.005  1.367   0.183   1.00 34.45 ? 803 HOH A O     1 
HETATM 232 O  O     . HOH E 5 . ? 0.908   -10.016 -17.376 1.00 37.39 ? 804 HOH A O     1 
HETATM 233 O  O     . HOH E 5 . ? -6.855  -0.616  -0.291  1.00 46.00 ? 805 HOH A O     1 
HETATM 234 O  O     . HOH E 5 . ? 3.007   1.397   -8.517  1.00 39.54 ? 806 HOH A O     1 
HETATM 235 O  O     . HOH E 5 . ? 7.772   6.079   6.946   1.00 31.29 ? 807 HOH A O     1 
HETATM 236 O  O     . HOH E 5 . ? -7.869  3.599   -14.164 1.00 33.67 ? 808 HOH A O     1 
HETATM 237 O  O     . HOH E 5 . ? -1.490  -10.984 -18.860 1.00 32.62 ? 809 HOH A O     1 
HETATM 238 O  O     . HOH E 5 . ? -6.072  2.191   2.104   1.00 40.19 ? 810 HOH A O     1 
HETATM 239 O  O     . HOH E 5 . ? -2.539  3.980   -7.922  1.00 37.90 ? 811 HOH A O     1 
HETATM 240 O  O     . HOH E 5 . ? -2.151  9.239   -18.634 1.00 40.22 ? 812 HOH A O     1 
HETATM 241 O  O     . HOH E 5 . ? -6.134  2.175   -11.769 1.00 39.52 ? 813 HOH A O     1 
HETATM 242 O  O     . HOH E 5 . ? 5.736   -0.069  -0.847  1.00 38.10 ? 814 HOH A O     1 
HETATM 243 O  O     . HOH E 5 . ? 0.298   -13.809 -21.755 1.00 37.04 ? 815 HOH A O     1 
HETATM 244 O  O     . HOH E 5 . ? -4.836  6.030   -18.141 1.00 41.78 ? 816 HOH A O     1 
HETATM 245 O  O     . HOH E 5 . ? -4.594  4.908   -14.150 1.00 38.97 ? 817 HOH A O     1 
HETATM 246 O  O     . HOH E 5 . ? -2.159  0.577   -14.684 1.00 40.91 ? 818 HOH A O     1 
HETATM 247 O  O     . HOH E 5 . ? 5.314   2.138   17.713  1.00 35.69 ? 819 HOH A O     1 
HETATM 248 O  O     . HOH E 5 . ? -1.688  -7.226  -19.354 1.00 41.80 ? 820 HOH A O     1 
HETATM 249 O  O     . HOH E 5 . ? 2.132   10.833  -15.421 1.00 33.67 ? 821 HOH A O     1 
# 
